data_4XDZ
#
_entry.id   4XDZ
#
_cell.length_a   54.579
_cell.length_b   90.753
_cell.length_c   69.525
_cell.angle_alpha   90.000
_cell.angle_beta   100.250
_cell.angle_gamma   90.000
#
_symmetry.space_group_name_H-M   'P 1 21 1'
#
loop_
_entity.id
_entity.type
_entity.pdbx_description
1 polymer 'Ketol-acid reductoisomerase'
2 non-polymer 'NADPH DIHYDRO-NICOTINAMIDE-ADENINE-DINUCLEOTIDE PHOSPHATE'
3 non-polymer 'MAGNESIUM ION'
4 non-polymer 'oxo(propan-2-ylamino)acetic acid'
5 non-polymer '4-(2-HYDROXYETHYL)-1-PIPERAZINE ETHANESULFONIC ACID'
6 non-polymer GLYCEROL
7 water water
#
_entity_poly.entity_id   1
_entity_poly.type   'polypeptide(L)'
_entity_poly.pdbx_seq_one_letter_code
;MAKIYKDEDISLEPIKNKTIAILGYGSQGRAWALNLRDSGLNVVVGLERQGDSWRRAIDDGFKPMYTKDAVAIADIIVFL
VPDMVQKSLWLNSVKDFMKKGADLVFAHGFNIHFKIIEPPKDSDVYMIAPKSPGPIVRRSYEMGGGVPALVAVYQNVSGE
ALQKALAIAKGIGCARAGVIESTFKEETETDLFGEQVILVGGIMELIKASFETLVEEGYQPEVAYFETVNELKLIVDLIY
EKGLTGMLRAVSDTAKYGGITVGKFIIDKSVRDKMKIVLERIRSGEFAREWIKEYERGMPTVFKELSELEGSTIETVGRK
LREMMFRGMKQISSHLEHHHHHH
;
_entity_poly.pdbx_strand_id   A,B
#
loop_
_chem_comp.id
_chem_comp.type
_chem_comp.name
_chem_comp.formula
40E non-polymer 'oxo(propan-2-ylamino)acetic acid' 'C5 H9 N O3'
EPE non-polymer '4-(2-HYDROXYETHYL)-1-PIPERAZINE ETHANESULFONIC ACID' 'C8 H18 N2 O4 S'
GOL non-polymer GLYCEROL 'C3 H8 O3'
MG non-polymer 'MAGNESIUM ION' 'Mg 2'
NDP non-polymer 'NADPH DIHYDRO-NICOTINAMIDE-ADENINE-DINUCLEOTIDE PHOSPHATE' 'C21 H30 N7 O17 P3'
#
# COMPACT_ATOMS: atom_id res chain seq x y z
N ALA A 2 7.29 -4.40 24.52
CA ALA A 2 8.72 -4.37 24.19
C ALA A 2 9.11 -2.90 24.10
N LYS A 3 10.35 -2.62 24.41
CA LYS A 3 10.86 -1.27 24.29
C LYS A 3 10.98 -0.93 22.80
N ILE A 4 10.40 0.19 22.44
CA ILE A 4 10.57 0.73 21.13
C ILE A 4 11.51 1.92 21.30
N TYR A 5 12.72 1.84 20.77
CA TYR A 5 13.66 2.93 20.90
C TYR A 5 13.48 3.96 19.86
N LYS A 6 13.59 5.24 20.29
CA LYS A 6 13.45 6.44 19.44
CA LYS A 6 13.47 6.39 19.40
C LYS A 6 14.73 7.22 19.51
N ASP A 7 14.82 8.35 18.81
CA ASP A 7 16.03 9.14 18.80
C ASP A 7 16.54 9.49 20.21
N GLU A 8 15.55 9.88 21.05
CA GLU A 8 15.91 10.31 22.40
C GLU A 8 16.46 9.24 23.29
N ASP A 9 16.32 7.98 22.93
CA ASP A 9 16.79 6.86 23.69
C ASP A 9 18.18 6.43 23.27
N ILE A 10 18.73 6.96 22.22
CA ILE A 10 19.97 6.45 21.64
C ILE A 10 21.00 7.56 21.42
N SER A 11 22.25 7.28 21.84
CA SER A 11 23.39 8.17 21.57
C SER A 11 24.14 7.68 20.31
N LEU A 12 24.64 8.59 19.51
CA LEU A 12 25.57 8.25 18.39
C LEU A 12 26.99 8.10 18.87
N GLU A 13 27.28 8.50 20.10
CA GLU A 13 28.66 8.49 20.58
C GLU A 13 29.44 7.19 20.39
N PRO A 14 28.80 6.00 20.58
CA PRO A 14 29.54 4.75 20.36
C PRO A 14 30.14 4.52 19.01
N ILE A 15 29.63 5.19 17.97
CA ILE A 15 30.13 4.96 16.63
C ILE A 15 30.80 6.24 16.05
N LYS A 16 30.86 7.31 16.81
N LYS A 16 30.93 7.28 16.87
CA LYS A 16 31.62 8.47 16.41
CA LYS A 16 31.15 8.62 16.34
C LYS A 16 33.09 8.19 16.31
C LYS A 16 32.49 8.76 15.67
N ASN A 17 33.74 8.89 15.39
N ASN A 17 33.53 8.18 16.26
CA ASN A 17 35.16 8.77 15.20
CA ASN A 17 34.90 8.41 15.82
C ASN A 17 35.62 7.32 14.87
C ASN A 17 35.51 7.15 15.20
N LYS A 18 34.68 6.51 14.38
CA LYS A 18 34.94 5.18 13.79
C LYS A 18 34.69 5.19 12.34
N THR A 19 35.58 4.49 11.61
CA THR A 19 35.43 4.41 10.18
C THR A 19 34.46 3.26 9.88
N ILE A 20 33.40 3.61 9.16
CA ILE A 20 32.33 2.65 8.81
C ILE A 20 32.53 2.40 7.34
N ALA A 21 32.88 1.10 7.04
CA ALA A 21 32.97 0.68 5.64
C ALA A 21 31.64 0.06 5.31
N ILE A 22 30.99 0.62 4.33
CA ILE A 22 29.77 0.14 3.72
C ILE A 22 30.24 -0.64 2.50
N LEU A 23 30.04 -1.96 2.57
CA LEU A 23 30.43 -2.89 1.49
C LEU A 23 29.22 -3.03 0.61
N GLY A 24 29.24 -2.59 -0.62
CA GLY A 24 28.14 -2.50 -1.52
C GLY A 24 27.49 -1.18 -1.53
N TYR A 25 26.79 -0.86 -2.62
CA TYR A 25 26.17 0.45 -2.78
C TYR A 25 24.94 0.32 -3.61
N GLY A 26 24.15 -0.77 -3.25
CA GLY A 26 22.89 -1.07 -3.90
C GLY A 26 21.73 -0.54 -3.11
N SER A 27 20.68 -1.32 -3.04
CA SER A 27 19.39 -0.84 -2.51
C SER A 27 19.50 -0.37 -1.10
N GLN A 28 20.10 -1.13 -0.19
CA GLN A 28 20.38 -0.76 1.17
C GLN A 28 21.68 0.04 1.24
N GLY A 29 22.72 -0.39 0.50
CA GLY A 29 24.03 0.26 0.61
C GLY A 29 24.00 1.75 0.34
N ARG A 30 23.38 2.13 -0.78
CA ARG A 30 23.33 3.57 -1.07
C ARG A 30 22.63 4.27 0.10
N ALA A 31 21.51 3.75 0.52
CA ALA A 31 20.77 4.44 1.59
C ALA A 31 21.55 4.55 2.88
N TRP A 32 22.22 3.54 3.34
CA TRP A 32 23.00 3.59 4.58
C TRP A 32 24.14 4.53 4.44
N ALA A 33 24.90 4.44 3.32
CA ALA A 33 26.04 5.26 3.19
C ALA A 33 25.60 6.75 3.22
N LEU A 34 24.62 7.10 2.35
CA LEU A 34 24.12 8.51 2.37
C LEU A 34 23.59 8.98 3.68
N ASN A 35 22.76 8.20 4.26
CA ASN A 35 22.14 8.63 5.55
C ASN A 35 23.15 8.70 6.64
N LEU A 36 24.11 7.80 6.75
CA LEU A 36 25.14 7.86 7.78
C LEU A 36 26.06 9.08 7.54
N ARG A 37 26.42 9.37 6.27
CA ARG A 37 27.24 10.54 6.04
C ARG A 37 26.41 11.78 6.45
N ASP A 38 25.18 11.92 5.98
CA ASP A 38 24.37 13.05 6.38
C ASP A 38 24.30 13.21 7.91
N SER A 39 24.23 12.12 8.63
CA SER A 39 24.23 12.08 10.09
C SER A 39 25.57 12.41 10.73
N GLY A 40 26.61 12.63 9.91
CA GLY A 40 27.86 13.14 10.36
C GLY A 40 28.88 12.04 10.74
N LEU A 41 28.57 10.76 10.39
CA LEU A 41 29.49 9.65 10.64
C LEU A 41 30.50 9.53 9.50
N ASN A 42 31.51 8.70 9.74
CA ASN A 42 32.68 8.58 8.82
C ASN A 42 32.54 7.34 7.96
N VAL A 43 32.05 7.54 6.73
CA VAL A 43 31.71 6.45 5.87
C VAL A 43 32.73 6.33 4.78
N VAL A 44 33.11 5.09 4.46
CA VAL A 44 33.83 4.78 3.25
C VAL A 44 33.03 3.68 2.53
N VAL A 45 32.95 3.79 1.23
CA VAL A 45 32.27 2.80 0.38
C VAL A 45 33.28 1.84 -0.17
N GLY A 46 33.07 0.53 0.03
CA GLY A 46 33.98 -0.53 -0.47
C GLY A 46 33.25 -1.40 -1.47
N LEU A 47 33.87 -1.55 -2.63
CA LEU A 47 33.29 -2.24 -3.75
C LEU A 47 34.29 -3.18 -4.41
N GLU A 48 33.78 -4.31 -4.93
CA GLU A 48 34.65 -5.23 -5.70
C GLU A 48 34.91 -4.83 -7.10
N ARG A 49 34.00 -4.15 -7.72
CA ARG A 49 33.98 -3.80 -9.16
C ARG A 49 33.92 -2.28 -9.33
N GLN A 50 34.58 -1.77 -10.39
CA GLN A 50 34.40 -0.41 -10.82
C GLN A 50 33.35 -0.32 -11.90
N GLY A 51 32.11 -0.53 -11.51
CA GLY A 51 31.01 -0.56 -12.38
C GLY A 51 29.94 0.38 -11.96
N ASP A 52 28.68 -0.04 -12.08
CA ASP A 52 27.54 0.85 -11.92
C ASP A 52 27.46 1.45 -10.56
N SER A 53 27.69 0.69 -9.51
CA SER A 53 27.51 1.23 -8.18
C SER A 53 28.74 2.12 -7.82
N TRP A 54 29.91 1.81 -8.35
CA TRP A 54 31.04 2.65 -8.18
C TRP A 54 30.81 4.01 -8.78
N ARG A 55 30.30 4.07 -10.02
CA ARG A 55 29.89 5.33 -10.66
C ARG A 55 28.83 6.07 -9.89
N ARG A 56 27.86 5.39 -9.36
CA ARG A 56 26.83 5.97 -8.57
C ARG A 56 27.42 6.59 -7.32
N ALA A 57 28.33 5.93 -6.64
CA ALA A 57 28.99 6.42 -5.40
C ALA A 57 29.76 7.68 -5.72
N ILE A 58 30.49 7.69 -6.87
CA ILE A 58 31.19 8.89 -7.28
CA ILE A 58 31.19 8.89 -7.28
C ILE A 58 30.21 9.99 -7.53
N ASP A 59 29.11 9.78 -8.23
CA ASP A 59 28.09 10.76 -8.47
C ASP A 59 27.45 11.30 -7.25
N ASP A 60 27.47 10.55 -6.15
CA ASP A 60 26.95 10.98 -4.85
C ASP A 60 28.04 11.63 -4.00
N GLY A 61 29.21 11.82 -4.56
CA GLY A 61 30.28 12.54 -3.80
C GLY A 61 31.19 11.72 -2.95
N PHE A 62 31.10 10.37 -3.09
CA PHE A 62 32.06 9.53 -2.40
C PHE A 62 33.27 9.23 -3.34
N LYS A 63 34.32 8.86 -2.69
CA LYS A 63 35.48 8.30 -3.34
C LYS A 63 35.60 6.82 -2.95
N PRO A 64 34.95 5.91 -3.73
CA PRO A 64 34.93 4.49 -3.34
C PRO A 64 36.31 3.91 -3.35
N MET A 65 36.48 2.87 -2.56
CA MET A 65 37.69 2.03 -2.50
CA MET A 65 37.68 2.03 -2.46
C MET A 65 37.33 0.62 -2.86
N TYR A 66 38.30 -0.17 -3.32
CA TYR A 66 38.09 -1.62 -3.37
C TYR A 66 37.89 -2.13 -2.00
N THR A 67 37.08 -3.23 -1.90
CA THR A 67 36.74 -3.77 -0.65
C THR A 67 37.92 -4.00 0.26
N LYS A 68 39.00 -4.67 -0.30
CA LYS A 68 40.12 -5.00 0.52
C LYS A 68 40.70 -3.76 1.20
N ASP A 69 40.80 -2.67 0.49
CA ASP A 69 41.34 -1.42 1.00
C ASP A 69 40.41 -0.70 2.02
N ALA A 70 39.12 -0.76 1.77
CA ALA A 70 38.12 -0.21 2.72
C ALA A 70 38.17 -0.94 4.02
N VAL A 71 38.16 -2.28 3.95
CA VAL A 71 38.12 -3.00 5.21
C VAL A 71 39.39 -2.84 6.07
N ALA A 72 40.56 -2.67 5.39
CA ALA A 72 41.79 -2.52 6.10
C ALA A 72 41.80 -1.29 7.03
N ILE A 73 41.01 -0.27 6.72
CA ILE A 73 40.95 0.97 7.55
C ILE A 73 39.67 1.04 8.42
N ALA A 74 38.81 0.01 8.38
CA ALA A 74 37.48 0.10 8.92
C ALA A 74 37.51 -0.30 10.36
N ASP A 75 36.70 0.39 11.18
CA ASP A 75 36.37 -0.10 12.52
C ASP A 75 35.07 -0.89 12.56
N ILE A 76 34.20 -0.60 11.58
CA ILE A 76 32.87 -1.25 11.48
C ILE A 76 32.73 -1.57 9.98
N ILE A 77 32.38 -2.85 9.69
CA ILE A 77 32.24 -3.31 8.32
C ILE A 77 30.82 -3.78 8.17
N VAL A 78 30.13 -3.26 7.14
CA VAL A 78 28.66 -3.57 6.92
C VAL A 78 28.49 -4.25 5.57
N PHE A 79 27.93 -5.47 5.64
CA PHE A 79 27.73 -6.28 4.45
C PHE A 79 26.43 -5.97 3.70
N LEU A 80 26.53 -5.06 2.75
CA LEU A 80 25.40 -4.60 1.96
C LEU A 80 25.64 -4.92 0.49
N VAL A 81 26.06 -6.20 0.28
CA VAL A 81 25.97 -6.80 -1.03
C VAL A 81 24.96 -7.96 -0.93
N PRO A 82 24.58 -8.56 -2.08
CA PRO A 82 23.53 -9.60 -1.98
C PRO A 82 23.90 -10.69 -1.02
N ASP A 83 22.89 -11.28 -0.38
CA ASP A 83 23.08 -12.34 0.55
C ASP A 83 23.94 -13.56 -0.02
N MET A 84 23.69 -13.87 -1.26
CA MET A 84 24.37 -14.99 -1.91
C MET A 84 25.81 -14.64 -2.25
N VAL A 85 26.19 -13.37 -2.25
CA VAL A 85 27.57 -12.92 -2.51
C VAL A 85 28.42 -12.79 -1.27
N GLN A 86 27.77 -12.68 -0.10
CA GLN A 86 28.48 -12.33 1.11
C GLN A 86 29.58 -13.34 1.50
N LYS A 87 29.33 -14.64 1.33
CA LYS A 87 30.35 -15.61 1.65
C LYS A 87 31.64 -15.40 0.83
N SER A 88 31.44 -15.23 -0.49
CA SER A 88 32.64 -15.09 -1.33
CA SER A 88 32.57 -15.04 -1.42
C SER A 88 33.33 -13.75 -1.03
N LEU A 89 32.60 -12.72 -0.73
CA LEU A 89 33.20 -11.45 -0.37
C LEU A 89 33.96 -11.59 0.89
N TRP A 90 33.35 -12.20 1.91
CA TRP A 90 34.03 -12.49 3.12
C TRP A 90 35.39 -13.23 2.93
N LEU A 91 35.31 -14.32 2.23
CA LEU A 91 36.48 -15.12 2.04
C LEU A 91 37.54 -14.46 1.20
N ASN A 92 37.16 -13.77 0.14
CA ASN A 92 38.11 -13.20 -0.80
C ASN A 92 38.63 -11.84 -0.41
N SER A 93 37.83 -10.99 0.29
CA SER A 93 38.18 -9.57 0.42
C SER A 93 38.02 -9.02 1.83
N VAL A 94 37.50 -9.80 2.79
CA VAL A 94 37.32 -9.30 4.12
C VAL A 94 38.10 -10.00 5.18
N LYS A 95 37.95 -11.36 5.24
CA LYS A 95 38.47 -12.12 6.38
C LYS A 95 39.96 -11.79 6.68
N ASP A 96 40.73 -11.77 5.59
CA ASP A 96 42.21 -11.60 5.66
C ASP A 96 42.69 -10.19 5.57
N PHE A 97 41.75 -9.24 5.46
CA PHE A 97 42.10 -7.87 5.20
C PHE A 97 41.59 -6.97 6.33
N MET A 98 40.56 -7.39 7.06
CA MET A 98 39.96 -6.57 8.09
C MET A 98 40.96 -6.27 9.19
N LYS A 99 40.78 -5.13 9.91
CA LYS A 99 41.47 -5.00 11.20
C LYS A 99 40.95 -6.00 12.17
N LYS A 100 41.87 -6.46 12.98
CA LYS A 100 41.54 -7.44 13.96
C LYS A 100 40.62 -6.75 14.97
N GLY A 101 39.51 -7.42 15.27
CA GLY A 101 38.52 -6.84 16.22
C GLY A 101 37.55 -5.86 15.59
N ALA A 102 37.57 -5.62 14.27
CA ALA A 102 36.57 -4.79 13.65
C ALA A 102 35.18 -5.38 13.80
N ASP A 103 34.15 -4.53 13.89
CA ASP A 103 32.78 -5.02 13.98
C ASP A 103 32.33 -5.50 12.61
N LEU A 104 31.58 -6.61 12.65
CA LEU A 104 30.94 -7.12 11.41
C LEU A 104 29.45 -6.92 11.59
N VAL A 105 28.83 -6.31 10.58
CA VAL A 105 27.43 -5.82 10.68
C VAL A 105 26.67 -6.22 9.41
N PHE A 106 25.47 -6.73 9.70
CA PHE A 106 24.59 -7.15 8.68
C PHE A 106 23.25 -6.40 8.68
N ALA A 107 22.54 -6.41 7.57
CA ALA A 107 21.19 -5.91 7.49
C ALA A 107 20.14 -7.00 7.42
N HIS A 108 20.52 -8.25 7.42
CA HIS A 108 19.67 -9.45 7.44
C HIS A 108 20.49 -10.53 8.06
N GLY A 109 19.83 -11.42 8.76
CA GLY A 109 20.59 -12.30 9.53
C GLY A 109 20.90 -13.69 8.81
N PHE A 110 20.48 -13.75 7.55
CA PHE A 110 20.62 -15.02 6.77
C PHE A 110 22.06 -15.65 6.95
N ASN A 111 23.09 -14.94 6.58
CA ASN A 111 24.39 -15.56 6.52
C ASN A 111 24.92 -16.07 7.88
N ILE A 112 24.61 -15.33 8.95
CA ILE A 112 25.10 -15.68 10.26
C ILE A 112 24.17 -16.78 10.80
N HIS A 113 22.86 -16.57 10.73
CA HIS A 113 21.92 -17.49 11.28
C HIS A 113 22.00 -18.87 10.64
N PHE A 114 22.17 -18.96 9.33
CA PHE A 114 22.20 -20.30 8.65
C PHE A 114 23.71 -20.72 8.56
N LYS A 115 24.62 -20.11 9.32
CA LYS A 115 25.98 -20.60 9.54
C LYS A 115 26.73 -20.66 8.23
N ILE A 116 26.46 -19.70 7.37
CA ILE A 116 27.19 -19.60 6.13
C ILE A 116 28.53 -18.95 6.31
N ILE A 117 28.54 -17.91 7.11
CA ILE A 117 29.73 -17.24 7.54
C ILE A 117 29.88 -17.42 9.01
N GLU A 118 31.06 -17.94 9.36
N GLU A 118 31.04 -17.89 9.42
CA GLU A 118 31.50 -18.05 10.78
CA GLU A 118 31.50 -18.24 11.12
CA GLU A 118 31.29 -18.05 10.83
C GLU A 118 32.45 -16.94 11.15
C GLU A 118 32.37 -17.07 11.23
N PRO A 119 31.99 -15.98 11.94
CA PRO A 119 32.84 -14.86 12.14
C PRO A 119 33.95 -15.15 13.16
N PRO A 120 35.01 -14.28 13.14
CA PRO A 120 36.02 -14.40 14.22
C PRO A 120 35.43 -14.15 15.59
N LYS A 121 35.99 -14.82 16.61
CA LYS A 121 35.43 -14.81 17.94
C LYS A 121 35.69 -13.45 18.61
N ASP A 122 36.65 -12.66 18.11
CA ASP A 122 37.04 -11.41 18.70
C ASP A 122 36.47 -10.14 18.08
N SER A 123 35.48 -10.30 17.15
CA SER A 123 34.69 -9.25 16.55
C SER A 123 33.27 -9.19 17.16
N ASP A 124 32.84 -7.99 17.49
CA ASP A 124 31.38 -7.77 17.59
C ASP A 124 30.67 -8.13 16.30
N VAL A 125 29.51 -8.81 16.41
CA VAL A 125 28.72 -9.12 15.24
C VAL A 125 27.24 -8.71 15.56
N TYR A 126 26.72 -7.82 14.77
CA TYR A 126 25.41 -7.28 15.08
C TYR A 126 24.68 -6.90 13.78
N MET A 127 23.43 -6.44 13.91
CA MET A 127 22.60 -6.24 12.77
C MET A 127 21.68 -5.02 13.04
N ILE A 128 21.42 -4.33 11.96
CA ILE A 128 20.30 -3.38 11.84
C ILE A 128 19.55 -3.71 10.61
N ALA A 129 18.37 -4.24 10.82
CA ALA A 129 17.51 -4.62 9.69
C ALA A 129 16.35 -3.69 9.48
N PRO A 130 16.47 -2.71 8.54
CA PRO A 130 15.34 -1.83 8.34
C PRO A 130 14.18 -2.62 7.78
N LYS A 131 12.98 -2.30 8.26
CA LYS A 131 11.76 -2.95 7.79
C LYS A 131 11.20 -2.09 6.66
N SER A 132 12.00 -2.06 5.60
CA SER A 132 11.69 -1.25 4.46
C SER A 132 12.57 -1.58 3.26
N PRO A 133 12.03 -1.37 2.03
CA PRO A 133 12.94 -1.41 0.88
C PRO A 133 13.92 -0.32 0.92
N GLY A 134 15.14 -0.62 0.40
CA GLY A 134 16.22 0.33 0.39
C GLY A 134 15.98 1.76 0.00
N PRO A 135 15.34 1.96 -1.19
CA PRO A 135 15.15 3.33 -1.63
C PRO A 135 14.31 4.14 -0.67
N ILE A 136 13.43 3.49 0.10
CA ILE A 136 12.60 4.21 1.05
CA ILE A 136 12.62 4.22 1.07
C ILE A 136 13.35 4.43 2.37
N VAL A 137 14.37 3.67 2.73
CA VAL A 137 15.27 3.96 3.88
C VAL A 137 15.91 5.34 3.57
N ARG A 138 16.32 5.60 2.32
CA ARG A 138 16.91 6.89 1.99
C ARG A 138 15.79 7.92 1.91
N ARG A 139 14.73 7.71 1.11
CA ARG A 139 13.71 8.73 0.93
C ARG A 139 13.13 9.24 2.21
N SER A 140 12.77 8.33 3.08
CA SER A 140 12.23 8.70 4.38
C SER A 140 13.14 9.62 5.10
N TYR A 141 14.44 9.27 5.18
CA TYR A 141 15.43 10.05 5.83
C TYR A 141 15.57 11.43 5.29
N GLU A 142 15.57 11.52 3.97
CA GLU A 142 15.72 12.81 3.31
C GLU A 142 14.48 13.69 3.63
N MET A 143 13.30 13.14 3.79
CA MET A 143 12.06 13.84 4.09
C MET A 143 11.91 14.10 5.57
N GLY A 144 12.93 13.84 6.38
CA GLY A 144 12.90 14.05 7.82
C GLY A 144 12.20 13.06 8.67
N GLY A 145 11.93 11.91 8.08
CA GLY A 145 11.37 10.76 8.77
C GLY A 145 12.34 9.57 8.72
N GLY A 146 11.75 8.39 8.88
CA GLY A 146 12.50 7.20 8.88
C GLY A 146 11.58 6.00 8.82
N VAL A 147 12.16 4.81 8.83
CA VAL A 147 11.45 3.50 8.81
C VAL A 147 11.82 2.76 10.00
N PRO A 148 10.93 1.79 10.40
CA PRO A 148 11.31 1.01 11.60
C PRO A 148 12.44 0.05 11.28
N ALA A 149 13.08 -0.38 12.34
CA ALA A 149 14.17 -1.41 12.21
C ALA A 149 14.17 -2.34 13.41
N LEU A 150 14.70 -3.55 13.14
CA LEU A 150 15.15 -4.43 14.20
C LEU A 150 16.64 -4.27 14.39
N VAL A 151 17.09 -4.45 15.64
CA VAL A 151 18.47 -4.64 15.96
C VAL A 151 18.69 -5.96 16.61
N ALA A 152 19.85 -6.54 16.39
CA ALA A 152 20.18 -7.80 17.04
C ALA A 152 21.67 -7.94 17.18
N VAL A 153 22.11 -8.72 18.15
CA VAL A 153 23.50 -8.95 18.46
C VAL A 153 23.74 -10.45 18.44
N TYR A 154 24.80 -10.87 17.74
CA TYR A 154 25.27 -12.24 17.70
C TYR A 154 26.46 -12.46 18.62
N GLN A 155 27.39 -11.52 18.57
CA GLN A 155 28.55 -11.51 19.48
C GLN A 155 28.77 -10.13 20.01
N ASN A 156 28.88 -10.09 21.35
CA ASN A 156 29.14 -8.82 22.00
C ASN A 156 30.48 -8.89 22.76
N VAL A 157 31.58 -8.77 22.02
CA VAL A 157 32.94 -8.73 22.56
C VAL A 157 33.26 -7.43 23.30
N SER A 158 32.79 -6.33 22.80
CA SER A 158 33.07 -5.04 23.32
C SER A 158 32.29 -4.68 24.57
N GLY A 159 31.20 -5.33 24.78
CA GLY A 159 30.27 -4.88 25.82
C GLY A 159 29.36 -3.75 25.40
N GLU A 160 29.43 -3.27 24.16
CA GLU A 160 28.49 -2.26 23.68
C GLU A 160 28.04 -2.58 22.24
N ALA A 161 27.97 -3.86 21.88
CA ALA A 161 27.43 -4.15 20.56
C ALA A 161 26.02 -3.62 20.29
N LEU A 162 25.10 -3.82 21.27
CA LEU A 162 23.72 -3.44 21.07
C LEU A 162 23.69 -1.88 20.95
N GLN A 163 24.47 -1.14 21.72
CA GLN A 163 24.54 0.30 21.62
C GLN A 163 25.03 0.76 20.30
N LYS A 164 26.00 0.03 19.76
CA LYS A 164 26.40 0.35 18.41
C LYS A 164 25.34 0.11 17.35
N ALA A 165 24.66 -1.04 17.46
CA ALA A 165 23.61 -1.30 16.56
C ALA A 165 22.56 -0.19 16.62
N LEU A 166 22.12 0.13 17.81
CA LEU A 166 21.14 1.22 17.98
C LEU A 166 21.64 2.55 17.45
N ALA A 167 22.97 2.81 17.58
CA ALA A 167 23.49 4.07 17.05
C ALA A 167 23.46 4.09 15.51
N ILE A 168 23.80 2.94 14.87
CA ILE A 168 23.70 2.91 13.42
C ILE A 168 22.27 3.09 13.01
N ALA A 169 21.32 2.39 13.69
CA ALA A 169 19.91 2.54 13.37
C ALA A 169 19.52 4.04 13.47
N LYS A 170 19.90 4.71 14.53
CA LYS A 170 19.67 6.17 14.63
C LYS A 170 20.30 6.94 13.44
N GLY A 171 21.50 6.55 13.12
CA GLY A 171 22.22 7.25 12.03
C GLY A 171 21.60 7.12 10.66
N ILE A 172 20.88 5.96 10.46
CA ILE A 172 20.15 5.85 9.21
C ILE A 172 18.70 6.20 9.22
N GLY A 173 18.26 6.84 10.32
CA GLY A 173 16.93 7.38 10.47
C GLY A 173 15.89 6.55 11.14
N CYS A 174 16.24 5.30 11.46
CA CYS A 174 15.25 4.35 11.88
C CYS A 174 14.67 4.70 13.25
N ALA A 175 15.46 5.38 14.08
CA ALA A 175 14.96 5.77 15.38
C ALA A 175 13.99 6.98 15.35
N ARG A 176 13.80 7.54 14.17
CA ARG A 176 12.73 8.52 13.98
C ARG A 176 11.41 7.81 13.97
N ALA A 177 11.40 6.53 13.65
CA ALA A 177 10.18 5.74 13.49
C ALA A 177 10.03 4.78 14.68
N GLY A 178 11.05 3.98 14.95
CA GLY A 178 11.07 3.05 16.08
C GLY A 178 11.91 1.85 15.77
N VAL A 179 12.72 1.52 16.76
CA VAL A 179 13.68 0.37 16.64
C VAL A 179 13.35 -0.61 17.76
N ILE A 180 13.29 -1.90 17.43
CA ILE A 180 13.03 -2.93 18.43
C ILE A 180 14.18 -3.92 18.46
N GLU A 181 14.54 -4.34 19.65
CA GLU A 181 15.49 -5.43 19.78
C GLU A 181 14.92 -6.78 19.47
N SER A 182 15.67 -7.54 18.67
CA SER A 182 15.34 -8.87 18.30
C SER A 182 16.59 -9.74 18.38
N THR A 183 16.57 -10.86 17.63
CA THR A 183 17.70 -11.81 17.51
C THR A 183 17.93 -12.11 16.08
N PHE A 184 19.14 -12.62 15.79
CA PHE A 184 19.42 -13.07 14.44
C PHE A 184 18.48 -14.12 13.97
N LYS A 185 17.98 -15.00 14.81
CA LYS A 185 16.99 -16.00 14.43
C LYS A 185 15.63 -15.41 14.12
N GLU A 186 15.14 -14.56 15.03
CA GLU A 186 13.85 -13.96 14.81
C GLU A 186 13.79 -13.12 13.57
N GLU A 187 14.78 -12.23 13.45
CA GLU A 187 14.84 -11.38 12.29
C GLU A 187 14.84 -12.23 11.04
N THR A 188 15.70 -13.24 10.96
CA THR A 188 15.86 -13.91 9.65
C THR A 188 14.57 -14.62 9.35
N GLU A 189 13.94 -15.24 10.35
CA GLU A 189 12.74 -16.05 10.03
C GLU A 189 11.49 -15.22 9.74
N THR A 190 11.35 -14.07 10.44
CA THR A 190 10.21 -13.21 10.22
C THR A 190 10.36 -12.38 8.96
N ASP A 191 11.64 -12.01 8.65
CA ASP A 191 11.90 -11.25 7.39
C ASP A 191 11.66 -12.06 6.16
N LEU A 192 12.14 -13.32 6.14
CA LEU A 192 11.88 -14.23 5.05
C LEU A 192 10.42 -14.52 4.90
N PHE A 193 9.71 -14.70 6.05
CA PHE A 193 8.32 -15.00 5.96
C PHE A 193 7.53 -13.88 5.40
N GLY A 194 7.77 -12.66 5.87
CA GLY A 194 7.03 -11.51 5.40
C GLY A 194 7.14 -11.20 3.94
N GLU A 195 8.43 -11.21 3.47
CA GLU A 195 8.59 -10.92 2.07
C GLU A 195 8.04 -12.01 1.17
N GLN A 196 8.10 -13.26 1.62
CA GLN A 196 7.55 -14.37 0.86
C GLN A 196 6.01 -14.33 0.78
N VAL A 197 5.32 -14.22 1.93
CA VAL A 197 3.89 -14.46 1.91
C VAL A 197 3.09 -13.19 1.70
N ILE A 198 3.66 -12.00 1.88
CA ILE A 198 2.87 -10.74 1.74
C ILE A 198 3.63 -9.61 1.02
N LEU A 199 4.79 -9.19 1.50
CA LEU A 199 5.37 -7.95 1.02
C LEU A 199 5.82 -8.04 -0.43
N VAL A 200 6.31 -9.20 -0.87
CA VAL A 200 6.68 -9.38 -2.28
C VAL A 200 5.74 -10.42 -2.81
N GLY A 201 5.80 -11.67 -2.42
CA GLY A 201 5.06 -12.75 -3.04
C GLY A 201 3.58 -12.57 -3.08
N GLY A 202 3.01 -12.44 -1.88
CA GLY A 202 1.58 -12.41 -1.82
C GLY A 202 0.92 -11.25 -2.46
N ILE A 203 1.48 -10.04 -2.22
CA ILE A 203 0.88 -8.87 -2.86
C ILE A 203 1.07 -8.85 -4.36
N MET A 204 2.26 -9.26 -4.85
CA MET A 204 2.43 -9.22 -6.25
C MET A 204 1.50 -10.19 -6.98
N GLU A 205 1.30 -11.35 -6.42
CA GLU A 205 0.47 -12.36 -7.06
C GLU A 205 -1.03 -12.00 -6.90
N LEU A 206 -1.38 -11.36 -5.79
CA LEU A 206 -2.76 -10.92 -5.60
C LEU A 206 -3.13 -9.86 -6.59
N ILE A 207 -2.20 -8.89 -6.76
CA ILE A 207 -2.38 -7.83 -7.79
C ILE A 207 -2.53 -8.46 -9.18
N LYS A 208 -1.52 -9.27 -9.55
CA LYS A 208 -1.52 -9.78 -10.94
C LYS A 208 -2.78 -10.63 -11.15
N ALA A 209 -3.19 -11.44 -10.24
CA ALA A 209 -4.35 -12.33 -10.44
C ALA A 209 -5.64 -11.48 -10.56
N SER A 210 -5.75 -10.39 -9.78
CA SER A 210 -6.92 -9.51 -9.80
CA SER A 210 -6.97 -9.63 -9.84
C SER A 210 -7.02 -8.80 -11.14
N PHE A 211 -5.88 -8.17 -11.48
CA PHE A 211 -5.85 -7.44 -12.77
C PHE A 211 -6.13 -8.34 -13.94
N GLU A 212 -5.50 -9.54 -13.96
CA GLU A 212 -5.60 -10.39 -15.11
C GLU A 212 -7.00 -11.02 -15.18
N THR A 213 -7.69 -11.18 -14.06
CA THR A 213 -9.05 -11.68 -14.14
C THR A 213 -9.92 -10.70 -14.86
N LEU A 214 -9.79 -9.37 -14.50
CA LEU A 214 -10.62 -8.41 -15.21
C LEU A 214 -10.27 -8.29 -16.68
N VAL A 215 -8.97 -8.30 -17.03
CA VAL A 215 -8.63 -8.15 -18.41
C VAL A 215 -9.06 -9.40 -19.20
N GLU A 216 -8.95 -10.59 -18.67
CA GLU A 216 -9.34 -11.82 -19.33
C GLU A 216 -10.85 -11.81 -19.56
N GLU A 217 -11.63 -11.21 -18.71
CA GLU A 217 -13.05 -11.16 -18.82
C GLU A 217 -13.55 -10.02 -19.69
N GLY A 218 -12.66 -9.22 -20.27
CA GLY A 218 -13.03 -8.28 -21.31
C GLY A 218 -13.20 -6.82 -20.84
N TYR A 219 -12.91 -6.52 -19.60
CA TYR A 219 -13.03 -5.14 -19.10
C TYR A 219 -11.85 -4.32 -19.62
N GLN A 220 -11.99 -3.02 -19.56
CA GLN A 220 -10.95 -2.13 -20.04
C GLN A 220 -9.73 -2.30 -19.18
N PRO A 221 -8.51 -2.51 -19.82
CA PRO A 221 -7.34 -2.74 -18.97
C PRO A 221 -7.02 -1.51 -18.12
N GLU A 222 -7.29 -0.30 -18.55
CA GLU A 222 -7.06 0.88 -17.81
C GLU A 222 -7.91 0.95 -16.54
N VAL A 223 -9.18 0.53 -16.69
CA VAL A 223 -10.07 0.37 -15.51
C VAL A 223 -9.45 -0.60 -14.55
N ALA A 224 -9.06 -1.79 -15.09
CA ALA A 224 -8.41 -2.77 -14.26
C ALA A 224 -7.25 -2.26 -13.49
N TYR A 225 -6.41 -1.45 -14.15
CA TYR A 225 -5.24 -0.93 -13.47
C TYR A 225 -5.63 0.09 -12.37
N PHE A 226 -6.61 0.92 -12.64
CA PHE A 226 -7.02 1.88 -11.60
C PHE A 226 -7.58 1.19 -10.39
N GLU A 227 -8.29 0.08 -10.63
CA GLU A 227 -9.06 -0.64 -9.56
C GLU A 227 -8.10 -1.53 -8.76
N THR A 228 -7.25 -2.29 -9.46
CA THR A 228 -6.50 -3.37 -8.80
C THR A 228 -5.07 -3.07 -8.49
N VAL A 229 -4.55 -1.96 -9.02
CA VAL A 229 -3.15 -1.54 -8.77
C VAL A 229 -3.15 -0.15 -8.10
N ASN A 230 -3.61 0.84 -8.81
CA ASN A 230 -3.42 2.22 -8.35
C ASN A 230 -4.12 2.45 -7.00
N GLU A 231 -5.35 1.94 -6.86
CA GLU A 231 -6.17 2.23 -5.66
C GLU A 231 -5.57 1.54 -4.46
N LEU A 232 -4.84 0.42 -4.69
CA LEU A 232 -4.27 -0.26 -3.57
C LEU A 232 -3.43 0.65 -2.70
N LYS A 233 -2.65 1.50 -3.32
CA LYS A 233 -1.82 2.42 -2.55
C LYS A 233 -2.67 3.37 -1.64
N LEU A 234 -3.74 3.79 -2.24
CA LEU A 234 -4.66 4.71 -1.49
C LEU A 234 -5.26 4.04 -0.29
N ILE A 235 -5.65 2.78 -0.47
CA ILE A 235 -6.21 1.99 0.66
C ILE A 235 -5.19 1.66 1.69
N VAL A 236 -3.98 1.21 1.23
CA VAL A 236 -2.97 0.82 2.15
C VAL A 236 -2.51 2.02 2.92
N ASP A 237 -2.51 3.21 2.38
CA ASP A 237 -2.23 4.38 3.15
C ASP A 237 -3.13 4.59 4.35
N LEU A 238 -4.41 4.21 4.20
CA LEU A 238 -5.35 4.30 5.33
C LEU A 238 -5.01 3.31 6.38
N ILE A 239 -4.66 2.07 5.93
CA ILE A 239 -4.22 1.07 6.93
C ILE A 239 -3.01 1.47 7.75
N TYR A 240 -2.04 2.01 7.00
CA TYR A 240 -0.80 2.51 7.59
C TYR A 240 -0.99 3.60 8.69
N GLU A 241 -2.00 4.40 8.44
CA GLU A 241 -2.31 5.52 9.36
C GLU A 241 -3.25 5.14 10.48
N LYS A 242 -4.24 4.29 10.19
CA LYS A 242 -5.37 4.06 11.12
C LYS A 242 -5.73 2.60 11.29
N GLY A 243 -4.92 1.69 10.80
CA GLY A 243 -5.27 0.29 10.97
C GLY A 243 -6.26 -0.21 10.04
N LEU A 244 -6.52 -1.52 10.16
CA LEU A 244 -7.61 -2.12 9.41
C LEU A 244 -8.96 -1.54 9.78
N THR A 245 -9.11 -1.16 11.05
CA THR A 245 -10.41 -0.56 11.46
C THR A 245 -10.65 0.76 10.79
N GLY A 246 -9.60 1.62 10.71
CA GLY A 246 -9.78 2.94 10.07
C GLY A 246 -10.02 2.83 8.60
N MET A 247 -9.35 1.83 7.99
CA MET A 247 -9.59 1.60 6.54
C MET A 247 -11.06 1.17 6.39
N LEU A 248 -11.53 0.19 7.15
CA LEU A 248 -12.84 -0.36 6.95
C LEU A 248 -13.90 0.67 7.20
N ARG A 249 -13.69 1.60 8.11
CA ARG A 249 -14.69 2.66 8.33
C ARG A 249 -14.76 3.63 7.16
N ALA A 250 -13.70 3.78 6.36
CA ALA A 250 -13.70 4.67 5.24
C ALA A 250 -14.35 4.16 4.03
N VAL A 251 -14.48 2.82 3.88
CA VAL A 251 -14.99 2.27 2.65
C VAL A 251 -16.52 2.08 2.77
N SER A 252 -17.19 1.93 1.64
CA SER A 252 -18.67 1.84 1.62
C SER A 252 -19.15 0.65 2.43
N ASP A 253 -20.39 0.69 2.89
CA ASP A 253 -20.93 -0.54 3.48
C ASP A 253 -20.93 -1.71 2.48
N THR A 254 -21.28 -1.42 1.22
CA THR A 254 -21.17 -2.47 0.20
C THR A 254 -19.78 -3.13 0.21
N ALA A 255 -18.79 -2.30 0.19
CA ALA A 255 -17.42 -2.82 0.21
C ALA A 255 -17.05 -3.50 1.50
N LYS A 256 -17.62 -3.08 2.63
CA LYS A 256 -17.36 -3.74 3.90
C LYS A 256 -17.95 -5.17 3.84
N TYR A 257 -19.19 -5.27 3.38
CA TYR A 257 -19.77 -6.62 3.35
C TYR A 257 -19.04 -7.48 2.33
N GLY A 258 -18.82 -6.96 1.11
CA GLY A 258 -18.11 -7.70 0.06
C GLY A 258 -16.73 -8.10 0.55
N GLY A 259 -15.97 -7.16 1.11
CA GLY A 259 -14.65 -7.51 1.58
C GLY A 259 -14.62 -8.51 2.69
N ILE A 260 -15.49 -8.34 3.66
CA ILE A 260 -15.44 -9.26 4.82
C ILE A 260 -15.77 -10.71 4.39
N THR A 261 -16.74 -10.84 3.47
CA THR A 261 -17.10 -12.17 3.05
C THR A 261 -16.16 -12.70 1.98
N VAL A 262 -15.80 -11.95 0.95
CA VAL A 262 -14.91 -12.49 -0.04
C VAL A 262 -13.50 -12.64 0.42
N GLY A 263 -13.04 -11.71 1.26
CA GLY A 263 -11.70 -11.85 1.74
C GLY A 263 -11.36 -13.22 2.35
N LYS A 264 -12.29 -13.67 3.16
CA LYS A 264 -12.22 -14.96 3.82
CA LYS A 264 -12.21 -14.96 3.80
C LYS A 264 -12.41 -16.13 2.81
N PHE A 265 -13.09 -15.90 1.68
CA PHE A 265 -13.20 -16.86 0.61
C PHE A 265 -11.86 -17.00 -0.18
N ILE A 266 -11.20 -15.90 -0.42
CA ILE A 266 -9.97 -15.81 -1.24
C ILE A 266 -8.81 -16.34 -0.32
N ILE A 267 -8.67 -15.79 0.86
CA ILE A 267 -7.69 -16.08 1.85
C ILE A 267 -8.35 -16.90 2.94
N ASP A 268 -8.47 -18.15 2.68
CA ASP A 268 -9.22 -19.10 3.53
C ASP A 268 -8.31 -20.01 4.37
N LYS A 269 -8.86 -21.12 4.95
CA LYS A 269 -8.04 -21.87 5.91
C LYS A 269 -6.86 -22.53 5.10
N SER A 270 -7.07 -22.82 3.83
CA SER A 270 -6.06 -23.43 2.98
C SER A 270 -4.89 -22.50 2.83
N VAL A 271 -5.15 -21.22 2.59
CA VAL A 271 -4.06 -20.23 2.49
C VAL A 271 -3.30 -20.04 3.84
N ARG A 272 -4.06 -20.03 4.95
CA ARG A 272 -3.46 -20.04 6.27
C ARG A 272 -2.56 -21.21 6.49
N ASP A 273 -3.00 -22.40 6.01
CA ASP A 273 -2.16 -23.59 6.17
C ASP A 273 -0.89 -23.41 5.32
N LYS A 274 -1.08 -22.87 4.11
CA LYS A 274 0.14 -22.59 3.24
C LYS A 274 1.13 -21.65 3.88
N MET A 275 0.66 -20.64 4.62
CA MET A 275 1.58 -19.78 5.36
C MET A 275 2.33 -20.52 6.43
N LYS A 276 1.67 -21.48 7.09
CA LYS A 276 2.36 -22.26 8.10
C LYS A 276 3.45 -23.15 7.43
N ILE A 277 3.19 -23.66 6.26
CA ILE A 277 4.14 -24.49 5.51
C ILE A 277 5.37 -23.64 5.11
N VAL A 278 5.08 -22.44 4.62
CA VAL A 278 6.18 -21.50 4.28
C VAL A 278 7.09 -21.23 5.45
N LEU A 279 6.45 -20.95 6.58
CA LEU A 279 7.19 -20.68 7.76
C LEU A 279 8.04 -21.86 8.25
N GLU A 280 7.45 -23.05 8.16
CA GLU A 280 8.16 -24.25 8.46
C GLU A 280 9.41 -24.46 7.63
N ARG A 281 9.24 -24.22 6.33
CA ARG A 281 10.39 -24.42 5.43
C ARG A 281 11.45 -23.36 5.59
N ILE A 282 11.12 -22.19 6.13
CA ILE A 282 12.08 -21.17 6.54
C ILE A 282 12.81 -21.69 7.80
N ARG A 283 12.02 -22.11 8.84
CA ARG A 283 12.63 -22.46 10.13
C ARG A 283 13.52 -23.70 10.03
N SER A 284 13.21 -24.66 9.12
CA SER A 284 14.02 -25.84 8.93
C SER A 284 15.28 -25.70 8.16
N GLY A 285 15.52 -24.50 7.64
CA GLY A 285 16.62 -24.28 6.72
C GLY A 285 16.39 -24.65 5.30
N GLU A 286 15.21 -25.25 5.00
CA GLU A 286 14.99 -25.68 3.64
C GLU A 286 14.92 -24.58 2.60
N PHE A 287 14.29 -23.46 2.95
CA PHE A 287 14.29 -22.37 2.02
C PHE A 287 15.71 -21.86 1.68
N ALA A 288 16.52 -21.82 2.73
CA ALA A 288 17.88 -21.35 2.54
C ALA A 288 18.64 -22.35 1.65
N ARG A 289 18.44 -23.65 1.87
CA ARG A 289 19.08 -24.70 1.00
C ARG A 289 18.65 -24.49 -0.44
N GLU A 290 17.39 -24.25 -0.70
CA GLU A 290 16.80 -24.09 -2.06
C GLU A 290 17.27 -22.82 -2.66
N TRP A 291 17.34 -21.70 -1.95
CA TRP A 291 17.85 -20.47 -2.47
C TRP A 291 19.30 -20.61 -2.88
N ILE A 292 20.12 -21.19 -2.01
CA ILE A 292 21.52 -21.40 -2.36
C ILE A 292 21.61 -22.16 -3.69
N LYS A 293 20.85 -23.27 -3.81
CA LYS A 293 20.91 -24.06 -5.07
C LYS A 293 20.43 -23.29 -6.28
N GLU A 294 19.37 -22.51 -6.13
CA GLU A 294 18.87 -21.65 -7.21
C GLU A 294 19.93 -20.65 -7.63
N TYR A 295 20.60 -20.03 -6.67
CA TYR A 295 21.68 -19.05 -7.01
C TYR A 295 22.82 -19.71 -7.73
N GLU A 296 23.12 -20.93 -7.32
CA GLU A 296 24.21 -21.64 -7.95
C GLU A 296 23.87 -22.17 -9.34
N ARG A 297 22.61 -22.21 -9.73
CA ARG A 297 22.12 -22.48 -11.04
C ARG A 297 22.05 -21.28 -11.96
N GLY A 298 22.36 -20.09 -11.42
CA GLY A 298 22.23 -18.88 -12.17
C GLY A 298 21.00 -18.02 -11.87
N MET A 299 20.30 -18.31 -10.77
CA MET A 299 19.02 -17.61 -10.47
C MET A 299 18.02 -17.49 -11.62
N PRO A 300 17.85 -18.57 -12.39
CA PRO A 300 16.99 -18.36 -13.57
C PRO A 300 15.56 -18.04 -13.21
N THR A 301 15.06 -18.52 -12.09
CA THR A 301 13.69 -18.23 -11.70
C THR A 301 13.50 -16.70 -11.62
N VAL A 302 14.51 -16.01 -11.09
CA VAL A 302 14.49 -14.56 -10.88
C VAL A 302 14.54 -13.80 -12.22
N PHE A 303 15.49 -14.17 -13.06
CA PHE A 303 15.66 -13.47 -14.28
C PHE A 303 14.51 -13.72 -15.23
N LYS A 304 14.05 -14.96 -15.29
CA LYS A 304 12.90 -15.30 -16.16
C LYS A 304 11.68 -14.46 -15.75
N GLU A 305 11.38 -14.43 -14.47
CA GLU A 305 10.22 -13.64 -14.01
C GLU A 305 10.35 -12.17 -14.32
N LEU A 306 11.52 -11.60 -14.14
CA LEU A 306 11.73 -10.20 -14.43
C LEU A 306 11.55 -9.88 -15.94
N SER A 307 12.11 -10.75 -16.80
CA SER A 307 11.88 -10.49 -18.19
C SER A 307 10.44 -10.65 -18.58
N GLU A 308 9.74 -11.66 -18.06
CA GLU A 308 8.35 -11.81 -18.49
C GLU A 308 7.52 -10.62 -17.92
N LEU A 309 7.79 -10.29 -16.69
CA LEU A 309 6.99 -9.23 -16.03
C LEU A 309 7.11 -7.89 -16.70
N GLU A 310 8.31 -7.53 -17.10
CA GLU A 310 8.59 -6.19 -17.56
C GLU A 310 7.82 -5.86 -18.83
N GLY A 311 7.60 -6.87 -19.64
CA GLY A 311 6.91 -6.74 -20.92
C GLY A 311 5.45 -7.17 -20.83
N SER A 312 4.94 -7.50 -19.66
CA SER A 312 3.58 -8.01 -19.55
C SER A 312 2.57 -6.83 -19.55
N THR A 313 1.31 -7.16 -19.79
CA THR A 313 0.21 -6.18 -19.94
C THR A 313 0.08 -5.29 -18.74
N ILE A 314 0.16 -5.85 -17.53
CA ILE A 314 -0.03 -5.03 -16.35
C ILE A 314 1.03 -3.96 -16.31
N GLU A 315 2.27 -4.30 -16.71
CA GLU A 315 3.39 -3.33 -16.64
C GLU A 315 3.39 -2.40 -17.77
N THR A 316 3.03 -2.77 -18.98
CA THR A 316 2.99 -1.81 -20.07
C THR A 316 1.80 -0.85 -19.98
N VAL A 317 0.66 -1.34 -19.59
CA VAL A 317 -0.51 -0.47 -19.32
C VAL A 317 -0.23 0.41 -18.14
N GLY A 318 0.40 -0.12 -17.11
CA GLY A 318 0.74 0.67 -15.92
C GLY A 318 1.73 1.78 -16.22
N ARG A 319 2.79 1.48 -17.00
CA ARG A 319 3.79 2.55 -17.30
C ARG A 319 3.08 3.64 -18.03
N LYS A 320 2.22 3.34 -19.02
CA LYS A 320 1.50 4.34 -19.75
C LYS A 320 0.62 5.22 -18.87
N LEU A 321 -0.14 4.59 -18.00
CA LEU A 321 -1.03 5.31 -17.09
C LEU A 321 -0.28 6.11 -16.07
N ARG A 322 0.76 5.57 -15.47
CA ARG A 322 1.52 6.32 -14.47
C ARG A 322 2.09 7.59 -15.10
N GLU A 323 2.62 7.46 -16.33
CA GLU A 323 3.19 8.70 -16.94
C GLU A 323 2.10 9.74 -17.08
N MET A 324 0.87 9.36 -17.48
CA MET A 324 -0.22 10.29 -17.54
CA MET A 324 -0.27 10.25 -17.58
C MET A 324 -0.65 10.84 -16.22
N MET A 325 -0.74 10.02 -15.19
CA MET A 325 -1.22 10.46 -13.90
C MET A 325 -0.27 11.43 -13.22
N PHE A 326 1.04 11.18 -13.38
CA PHE A 326 2.05 11.78 -12.56
C PHE A 326 2.73 12.99 -13.18
N ARG A 327 2.16 13.49 -14.22
CA ARG A 327 2.69 14.80 -14.74
C ARG A 327 2.84 15.97 -13.71
N GLY A 328 1.91 16.05 -12.75
CA GLY A 328 1.97 17.08 -11.69
C GLY A 328 1.75 18.53 -12.16
N MET A 329 1.89 19.47 -11.22
CA MET A 329 1.17 20.77 -11.27
C MET A 329 1.82 21.71 -12.31
N ALA B 2 -8.06 3.85 -24.67
CA ALA B 2 -9.18 4.75 -24.38
C ALA B 2 -8.56 6.09 -24.05
N LYS B 3 -9.32 7.12 -24.24
CA LYS B 3 -8.92 8.45 -23.81
C LYS B 3 -8.89 8.48 -22.25
N ILE B 4 -7.80 9.03 -21.76
CA ILE B 4 -7.72 9.40 -20.37
C ILE B 4 -7.85 10.91 -20.30
N TYR B 5 -8.97 11.43 -19.80
CA TYR B 5 -9.18 12.87 -19.75
C TYR B 5 -8.51 13.44 -18.54
N LYS B 6 -7.86 14.61 -18.75
CA LYS B 6 -7.22 15.39 -17.74
C LYS B 6 -7.87 16.79 -17.71
N ASP B 7 -7.39 17.64 -16.82
CA ASP B 7 -8.02 18.98 -16.64
C ASP B 7 -8.16 19.72 -17.98
N GLU B 8 -7.09 19.66 -18.80
CA GLU B 8 -7.08 20.43 -20.04
C GLU B 8 -8.06 19.93 -21.05
N ASP B 9 -8.60 18.71 -20.85
CA ASP B 9 -9.56 18.15 -21.75
C ASP B 9 -11.00 18.46 -21.41
N ILE B 10 -11.26 19.09 -20.27
CA ILE B 10 -12.63 19.17 -19.70
C ILE B 10 -12.89 20.62 -19.30
N SER B 11 -14.08 21.08 -19.72
CA SER B 11 -14.60 22.34 -19.31
C SER B 11 -15.58 22.18 -18.09
N LEU B 12 -15.51 23.14 -17.19
CA LEU B 12 -16.53 23.27 -16.13
C LEU B 12 -17.76 23.96 -16.55
N GLU B 13 -17.78 24.58 -17.72
CA GLU B 13 -18.92 25.38 -18.14
C GLU B 13 -20.29 24.71 -18.07
N PRO B 14 -20.36 23.39 -18.39
CA PRO B 14 -21.67 22.78 -18.36
C PRO B 14 -22.31 22.66 -16.99
N ILE B 15 -21.55 22.82 -15.90
CA ILE B 15 -22.16 22.85 -14.55
C ILE B 15 -22.01 24.14 -13.76
N LYS B 16 -21.36 25.13 -14.34
N LYS B 16 -21.45 25.17 -14.35
CA LYS B 16 -21.49 26.48 -13.82
CA LYS B 16 -20.96 26.32 -13.58
C LYS B 16 -22.97 26.90 -13.72
C LYS B 16 -22.04 27.09 -12.81
N ASN B 17 -23.28 27.59 -12.65
N ASN B 17 -23.27 27.12 -13.36
CA ASN B 17 -24.63 28.06 -12.44
CA ASN B 17 -24.38 27.85 -12.71
C ASN B 17 -25.67 26.93 -12.43
C ASN B 17 -25.44 26.95 -12.04
N LYS B 18 -25.23 25.66 -12.12
CA LYS B 18 -26.15 24.64 -11.68
C LYS B 18 -26.03 24.50 -10.20
N THR B 19 -27.14 24.38 -9.47
CA THR B 19 -27.09 24.03 -8.04
C THR B 19 -26.93 22.51 -7.97
N ILE B 20 -25.88 22.13 -7.24
CA ILE B 20 -25.57 20.71 -7.04
C ILE B 20 -25.95 20.38 -5.61
N ALA B 21 -26.90 19.45 -5.45
CA ALA B 21 -27.26 18.93 -4.14
C ALA B 21 -26.51 17.67 -3.91
N ILE B 22 -25.64 17.66 -2.93
CA ILE B 22 -24.94 16.49 -2.45
C ILE B 22 -25.82 15.92 -1.36
N LEU B 23 -26.35 14.73 -1.61
CA LEU B 23 -27.19 14.00 -0.64
C LEU B 23 -26.30 13.08 0.11
N GLY B 24 -26.17 13.32 1.38
CA GLY B 24 -25.18 12.67 2.25
C GLY B 24 -23.91 13.46 2.42
N TYR B 25 -23.22 13.15 3.50
CA TYR B 25 -22.02 13.88 3.88
C TYR B 25 -21.07 12.96 4.58
N GLY B 26 -20.97 11.69 4.06
CA GLY B 26 -20.09 10.69 4.61
C GLY B 26 -18.78 10.63 3.87
N SER B 27 -18.31 9.42 3.61
CA SER B 27 -16.94 9.25 3.11
C SER B 27 -16.75 9.89 1.78
N GLN B 28 -17.62 9.71 0.81
CA GLN B 28 -17.64 10.40 -0.45
C GLN B 28 -18.29 11.73 -0.36
N GLY B 29 -19.39 11.83 0.33
CA GLY B 29 -20.14 13.08 0.34
C GLY B 29 -19.41 14.29 0.85
N ARG B 30 -18.70 14.10 2.01
CA ARG B 30 -17.91 15.23 2.50
C ARG B 30 -16.89 15.64 1.44
N ALA B 31 -16.16 14.66 0.90
CA ALA B 31 -15.11 14.95 -0.10
C ALA B 31 -15.68 15.63 -1.33
N TRP B 32 -16.77 15.24 -1.88
CA TRP B 32 -17.33 15.83 -3.07
C TRP B 32 -17.79 17.26 -2.76
N ALA B 33 -18.51 17.38 -1.60
CA ALA B 33 -19.04 18.69 -1.27
C ALA B 33 -17.90 19.71 -1.14
N LEU B 34 -16.90 19.34 -0.30
CA LEU B 34 -15.75 20.21 -0.09
C LEU B 34 -15.01 20.53 -1.38
N ASN B 35 -14.68 19.54 -2.12
CA ASN B 35 -13.88 19.75 -3.36
C ASN B 35 -14.65 20.55 -4.37
N LEU B 36 -15.96 20.36 -4.57
CA LEU B 36 -16.75 21.09 -5.53
C LEU B 36 -16.89 22.56 -5.03
N ARG B 37 -17.10 22.77 -3.69
CA ARG B 37 -17.18 24.12 -3.18
C ARG B 37 -15.85 24.81 -3.42
N ASP B 38 -14.73 24.16 -3.11
CA ASP B 38 -13.42 24.76 -3.35
C ASP B 38 -13.17 25.07 -4.81
N SER B 39 -13.67 24.28 -5.72
CA SER B 39 -13.57 24.50 -7.15
C SER B 39 -14.43 25.62 -7.63
N GLY B 40 -15.34 26.18 -6.80
CA GLY B 40 -16.12 27.27 -7.21
C GLY B 40 -17.53 26.98 -7.64
N LEU B 41 -17.99 25.72 -7.50
CA LEU B 41 -19.33 25.32 -7.90
C LEU B 41 -20.34 25.59 -6.80
N ASN B 42 -21.58 25.56 -7.16
CA ASN B 42 -22.70 25.86 -6.22
C ASN B 42 -23.25 24.61 -5.58
N VAL B 43 -22.88 24.40 -4.32
CA VAL B 43 -23.16 23.16 -3.63
C VAL B 43 -24.10 23.41 -2.48
N VAL B 44 -25.06 22.53 -2.34
CA VAL B 44 -25.89 22.45 -1.14
C VAL B 44 -25.86 21.01 -0.67
N VAL B 45 -25.81 20.87 0.67
CA VAL B 45 -25.78 19.56 1.31
C VAL B 45 -27.17 19.23 1.79
N GLY B 46 -27.66 18.05 1.40
CA GLY B 46 -29.03 17.60 1.79
C GLY B 46 -28.89 16.34 2.59
N LEU B 47 -29.56 16.38 3.76
CA LEU B 47 -29.47 15.28 4.76
C LEU B 47 -30.83 14.96 5.33
N GLU B 48 -31.04 13.70 5.65
CA GLU B 48 -32.30 13.25 6.27
C GLU B 48 -32.36 13.55 7.73
N ARG B 49 -31.25 13.50 8.41
CA ARG B 49 -31.12 13.58 9.88
C ARG B 49 -30.29 14.75 10.31
N GLN B 50 -30.66 15.41 11.41
CA GLN B 50 -29.76 16.32 12.06
C GLN B 50 -28.88 15.69 13.07
N GLY B 51 -27.93 14.90 12.58
CA GLY B 51 -27.06 14.15 13.41
C GLY B 51 -25.62 14.50 13.08
N ASP B 52 -24.79 13.46 13.07
CA ASP B 52 -23.38 13.65 13.03
C ASP B 52 -22.94 14.31 11.75
N SER B 53 -23.46 13.92 10.62
CA SER B 53 -22.92 14.50 9.38
C SER B 53 -23.50 15.90 9.18
N TRP B 54 -24.67 16.20 9.73
CA TRP B 54 -25.22 17.54 9.76
C TRP B 54 -24.29 18.46 10.54
N ARG B 55 -23.87 18.02 11.74
CA ARG B 55 -22.94 18.78 12.53
C ARG B 55 -21.59 18.94 11.81
N ARG B 56 -21.08 17.91 11.16
CA ARG B 56 -19.84 18.00 10.41
C ARG B 56 -19.96 19.01 9.29
N ALA B 57 -21.05 19.06 8.58
CA ALA B 57 -21.28 19.96 7.47
C ALA B 57 -21.31 21.40 7.99
N ILE B 58 -21.98 21.65 9.14
CA ILE B 58 -21.94 22.96 9.75
C ILE B 58 -20.52 23.34 10.11
N ASP B 59 -19.75 22.43 10.75
CA ASP B 59 -18.37 22.67 11.12
C ASP B 59 -17.50 23.02 9.96
N ASP B 60 -17.83 22.51 8.77
CA ASP B 60 -17.11 22.75 7.52
C ASP B 60 -17.64 24.01 6.82
N GLY B 61 -18.59 24.72 7.38
CA GLY B 61 -19.09 26.00 6.82
C GLY B 61 -20.32 25.93 5.93
N PHE B 62 -20.90 24.73 5.78
CA PHE B 62 -22.13 24.61 5.01
C PHE B 62 -23.35 24.92 5.96
N LYS B 63 -24.44 25.20 5.33
CA LYS B 63 -25.74 25.28 5.98
C LYS B 63 -26.58 24.18 5.42
N PRO B 64 -26.53 22.94 5.98
CA PRO B 64 -27.28 21.84 5.42
C PRO B 64 -28.78 22.13 5.36
N MET B 65 -29.43 21.45 4.44
CA MET B 65 -30.86 21.44 4.26
CA MET B 65 -30.88 21.43 4.33
C MET B 65 -31.36 20.00 4.46
N TYR B 66 -32.63 19.83 4.82
CA TYR B 66 -33.23 18.50 4.67
C TYR B 66 -33.22 18.15 3.22
N THR B 67 -33.13 16.82 2.96
CA THR B 67 -33.14 16.36 1.58
C THR B 67 -34.22 16.92 0.70
N LYS B 68 -35.49 16.84 1.21
CA LYS B 68 -36.57 17.29 0.37
C LYS B 68 -36.39 18.75 -0.11
N ASP B 69 -35.87 19.57 0.75
CA ASP B 69 -35.66 21.00 0.49
C ASP B 69 -34.43 21.22 -0.43
N ALA B 70 -33.37 20.45 -0.24
CA ALA B 70 -32.20 20.54 -1.15
C ALA B 70 -32.61 20.17 -2.55
N VAL B 71 -33.32 19.02 -2.66
CA VAL B 71 -33.66 18.59 -4.00
C VAL B 71 -34.62 19.48 -4.74
N ALA B 72 -35.46 20.20 -3.99
CA ALA B 72 -36.42 21.04 -4.64
C ALA B 72 -35.76 22.22 -5.42
N ILE B 73 -34.55 22.63 -5.00
CA ILE B 73 -33.80 23.73 -5.65
C ILE B 73 -32.63 23.21 -6.48
N ALA B 74 -32.51 21.88 -6.65
CA ALA B 74 -31.32 21.34 -7.30
C ALA B 74 -31.48 21.19 -8.75
N ASP B 75 -30.38 21.43 -9.48
CA ASP B 75 -30.32 21.11 -10.90
C ASP B 75 -29.62 19.74 -11.08
N ILE B 76 -28.78 19.38 -10.10
CA ILE B 76 -27.96 18.11 -10.19
C ILE B 76 -28.09 17.56 -8.75
N ILE B 77 -28.48 16.29 -8.69
CA ILE B 77 -28.71 15.60 -7.40
C ILE B 77 -27.77 14.44 -7.33
N VAL B 78 -26.94 14.34 -6.28
CA VAL B 78 -25.93 13.29 -6.20
C VAL B 78 -26.17 12.40 -4.98
N PHE B 79 -26.31 11.11 -5.23
CA PHE B 79 -26.67 10.15 -4.20
C PHE B 79 -25.43 9.67 -3.47
N LEU B 80 -25.06 10.31 -2.36
CA LEU B 80 -23.88 9.97 -1.58
C LEU B 80 -24.26 9.60 -0.17
N VAL B 81 -25.32 8.74 -0.11
CA VAL B 81 -25.68 8.00 1.08
C VAL B 81 -25.38 6.48 0.76
N PRO B 82 -25.46 5.61 1.75
CA PRO B 82 -25.14 4.19 1.46
C PRO B 82 -26.01 3.65 0.38
N ASP B 83 -25.43 2.72 -0.36
CA ASP B 83 -26.16 2.08 -1.51
C ASP B 83 -27.49 1.43 -1.04
N MET B 84 -27.48 0.87 0.12
CA MET B 84 -28.69 0.17 0.59
C MET B 84 -29.78 1.20 1.06
N VAL B 85 -29.44 2.46 1.24
CA VAL B 85 -30.35 3.52 1.69
C VAL B 85 -30.95 4.27 0.51
N GLN B 86 -30.28 4.22 -0.65
CA GLN B 86 -30.66 5.02 -1.77
C GLN B 86 -32.11 4.86 -2.27
N LYS B 87 -32.62 3.60 -2.32
CA LYS B 87 -33.97 3.41 -2.72
C LYS B 87 -34.95 4.12 -1.78
N SER B 88 -34.80 3.95 -0.49
CA SER B 88 -35.73 4.58 0.44
CA SER B 88 -35.70 4.59 0.48
C SER B 88 -35.60 6.10 0.34
N LEU B 89 -34.41 6.60 0.16
CA LEU B 89 -34.18 8.04 0.06
C LEU B 89 -34.92 8.51 -1.18
N TRP B 90 -34.69 7.86 -2.30
CA TRP B 90 -35.35 8.17 -3.54
C TRP B 90 -36.88 8.26 -3.35
N LEU B 91 -37.44 7.17 -2.82
CA LEU B 91 -38.93 7.12 -2.76
C LEU B 91 -39.51 8.11 -1.78
N ASN B 92 -38.81 8.39 -0.68
CA ASN B 92 -39.34 9.23 0.36
C ASN B 92 -39.03 10.69 0.25
N SER B 93 -37.87 11.05 -0.36
CA SER B 93 -37.41 12.42 -0.30
C SER B 93 -36.89 13.00 -1.59
N VAL B 94 -36.84 12.22 -2.64
CA VAL B 94 -36.37 12.73 -3.92
C VAL B 94 -37.36 12.69 -5.06
N LYS B 95 -37.90 11.50 -5.36
CA LYS B 95 -38.76 11.33 -6.55
C LYS B 95 -39.82 12.43 -6.68
N ASP B 96 -40.50 12.71 -5.57
CA ASP B 96 -41.68 13.58 -5.59
C ASP B 96 -41.35 15.02 -5.26
N PHE B 97 -40.06 15.32 -5.08
CA PHE B 97 -39.62 16.61 -4.64
C PHE B 97 -38.65 17.23 -5.63
N MET B 98 -37.99 16.43 -6.45
CA MET B 98 -37.02 16.98 -7.35
C MET B 98 -37.62 17.89 -8.39
N LYS B 99 -36.82 18.83 -8.93
CA LYS B 99 -37.25 19.46 -10.23
C LYS B 99 -37.38 18.54 -11.36
N LYS B 100 -38.39 18.76 -12.16
CA LYS B 100 -38.53 18.00 -13.29
C LYS B 100 -37.31 18.21 -14.15
N GLY B 101 -36.77 17.10 -14.60
CA GLY B 101 -35.58 17.16 -15.45
C GLY B 101 -34.26 17.33 -14.72
N ALA B 102 -34.20 17.40 -13.39
CA ALA B 102 -32.97 17.47 -12.67
C ALA B 102 -32.09 16.21 -12.97
N ASP B 103 -30.80 16.39 -13.00
CA ASP B 103 -29.89 15.30 -13.20
C ASP B 103 -29.81 14.46 -11.97
N LEU B 104 -29.74 13.14 -12.17
CA LEU B 104 -29.54 12.18 -11.12
C LEU B 104 -28.18 11.52 -11.31
N VAL B 105 -27.35 11.62 -10.24
CA VAL B 105 -25.92 11.28 -10.33
C VAL B 105 -25.56 10.37 -9.18
N PHE B 106 -24.79 9.36 -9.57
CA PHE B 106 -24.30 8.38 -8.64
C PHE B 106 -22.76 8.31 -8.60
N ALA B 107 -22.20 7.76 -7.52
CA ALA B 107 -20.80 7.44 -7.40
C ALA B 107 -20.48 5.97 -7.58
N HIS B 108 -21.49 5.11 -7.76
CA HIS B 108 -21.34 3.66 -7.94
C HIS B 108 -22.62 3.30 -8.71
N GLY B 109 -22.47 2.28 -9.58
CA GLY B 109 -23.64 2.01 -10.42
C GLY B 109 -24.66 1.00 -9.89
N PHE B 110 -24.45 0.55 -8.67
CA PHE B 110 -25.20 -0.55 -8.14
C PHE B 110 -26.71 -0.33 -8.29
N ASN B 111 -27.22 0.76 -7.75
CA ASN B 111 -28.69 0.93 -7.75
C ASN B 111 -29.33 1.02 -9.16
N ILE B 112 -28.62 1.65 -10.07
CA ILE B 112 -29.16 1.76 -11.43
C ILE B 112 -28.96 0.42 -12.16
N HIS B 113 -27.74 -0.09 -12.08
CA HIS B 113 -27.42 -1.31 -12.83
C HIS B 113 -28.23 -2.52 -12.43
N PHE B 114 -28.50 -2.65 -11.14
CA PHE B 114 -29.27 -3.80 -10.67
C PHE B 114 -30.78 -3.44 -10.54
N LYS B 115 -31.18 -2.32 -11.15
CA LYS B 115 -32.59 -2.00 -11.38
C LYS B 115 -33.32 -1.78 -10.07
N ILE B 116 -32.62 -1.29 -9.06
CA ILE B 116 -33.24 -0.98 -7.79
C ILE B 116 -34.02 0.33 -7.88
N ILE B 117 -33.40 1.34 -8.50
CA ILE B 117 -34.03 2.61 -8.80
C ILE B 117 -34.20 2.71 -10.29
N GLU B 118 -35.42 2.96 -10.69
CA GLU B 118 -35.74 3.23 -12.09
CA GLU B 118 -35.81 3.27 -12.09
CA GLU B 118 -35.77 3.18 -12.07
C GLU B 118 -36.02 4.75 -12.22
N PRO B 119 -35.11 5.48 -12.85
CA PRO B 119 -35.18 6.94 -12.88
C PRO B 119 -36.27 7.41 -13.82
N PRO B 120 -36.68 8.66 -13.63
CA PRO B 120 -37.53 9.25 -14.67
C PRO B 120 -36.89 9.34 -16.01
N LYS B 121 -37.66 9.24 -17.08
CA LYS B 121 -37.13 9.18 -18.45
C LYS B 121 -36.60 10.50 -18.90
N ASP B 122 -37.01 11.62 -18.27
CA ASP B 122 -36.64 12.99 -18.71
C ASP B 122 -35.51 13.58 -17.89
N SER B 123 -34.82 12.76 -17.06
CA SER B 123 -33.60 13.20 -16.32
C SER B 123 -32.35 12.56 -16.96
N ASP B 124 -31.32 13.35 -17.19
CA ASP B 124 -29.98 12.77 -17.32
C ASP B 124 -29.66 11.94 -16.08
N VAL B 125 -29.04 10.79 -16.33
CA VAL B 125 -28.53 9.93 -15.28
C VAL B 125 -27.12 9.57 -15.60
N TYR B 126 -26.24 9.86 -14.68
CA TYR B 126 -24.78 9.66 -14.95
C TYR B 126 -24.05 9.42 -13.64
N MET B 127 -22.74 9.16 -13.73
CA MET B 127 -21.95 8.68 -12.63
C MET B 127 -20.56 9.25 -12.76
N ILE B 128 -19.98 9.53 -11.62
CA ILE B 128 -18.58 9.75 -11.42
C ILE B 128 -18.15 8.87 -10.28
N ALA B 129 -17.37 7.83 -10.60
CA ALA B 129 -16.87 6.89 -9.65
C ALA B 129 -15.41 7.01 -9.34
N PRO B 130 -15.11 7.79 -8.28
CA PRO B 130 -13.68 7.88 -7.94
C PRO B 130 -13.08 6.51 -7.54
N LYS B 131 -11.94 6.20 -8.05
CA LYS B 131 -11.26 4.96 -7.71
C LYS B 131 -10.35 5.20 -6.49
N SER B 132 -11.01 5.53 -5.39
CA SER B 132 -10.32 5.85 -4.17
C SER B 132 -11.34 5.84 -3.01
N PRO B 133 -10.83 5.56 -1.81
CA PRO B 133 -11.65 5.84 -0.61
C PRO B 133 -11.93 7.28 -0.49
N GLY B 134 -13.10 7.61 0.10
CA GLY B 134 -13.55 8.99 0.24
C GLY B 134 -12.59 9.98 0.84
N PRO B 135 -11.95 9.61 2.00
CA PRO B 135 -11.07 10.60 2.63
C PRO B 135 -9.90 10.96 1.73
N ILE B 136 -9.48 10.10 0.84
CA ILE B 136 -8.39 10.43 -0.01
CA ILE B 136 -8.38 10.37 -0.04
C ILE B 136 -8.83 11.15 -1.23
N VAL B 137 -10.07 11.11 -1.63
CA VAL B 137 -10.62 12.00 -2.64
C VAL B 137 -10.46 13.46 -2.17
N ARG B 138 -10.74 13.69 -0.88
CA ARG B 138 -10.55 15.01 -0.30
C ARG B 138 -9.05 15.27 -0.15
N ARG B 139 -8.28 14.45 0.53
CA ARG B 139 -6.91 14.72 0.83
C ARG B 139 -6.11 15.01 -0.43
N SER B 140 -6.27 14.19 -1.43
CA SER B 140 -5.57 14.44 -2.69
C SER B 140 -5.79 15.82 -3.19
N TYR B 141 -7.05 16.25 -3.25
CA TYR B 141 -7.44 17.55 -3.68
C TYR B 141 -6.83 18.63 -2.87
N GLU B 142 -6.76 18.45 -1.53
CA GLU B 142 -6.20 19.50 -0.66
C GLU B 142 -4.68 19.58 -0.91
N MET B 143 -4.09 18.55 -1.42
CA MET B 143 -2.64 18.51 -1.71
C MET B 143 -2.33 18.85 -3.14
N GLY B 144 -3.31 19.38 -3.86
CA GLY B 144 -3.15 19.84 -5.24
C GLY B 144 -3.13 18.76 -6.26
N GLY B 145 -3.59 17.57 -5.92
CA GLY B 145 -3.66 16.42 -6.81
C GLY B 145 -5.08 15.89 -6.81
N GLY B 146 -5.22 14.61 -7.25
CA GLY B 146 -6.50 13.98 -7.31
C GLY B 146 -6.33 12.51 -7.43
N VAL B 147 -7.43 11.82 -7.62
CA VAL B 147 -7.49 10.37 -7.76
C VAL B 147 -8.19 10.12 -9.07
N PRO B 148 -7.91 8.89 -9.66
CA PRO B 148 -8.57 8.61 -10.97
C PRO B 148 -10.09 8.34 -10.75
N ALA B 149 -10.82 8.48 -11.82
CA ALA B 149 -12.25 8.19 -11.77
C ALA B 149 -12.73 7.58 -13.08
N LEU B 150 -13.82 6.80 -12.96
CA LEU B 150 -14.63 6.45 -14.09
C LEU B 150 -15.80 7.39 -14.24
N VAL B 151 -16.22 7.69 -15.48
CA VAL B 151 -17.50 8.34 -15.69
C VAL B 151 -18.36 7.47 -16.57
N ALA B 152 -19.67 7.53 -16.38
CA ALA B 152 -20.55 6.75 -17.19
C ALA B 152 -21.92 7.41 -17.27
N VAL B 153 -22.64 7.21 -18.36
CA VAL B 153 -23.93 7.79 -18.63
C VAL B 153 -24.94 6.66 -18.82
N TYR B 154 -26.08 6.79 -18.15
CA TYR B 154 -27.16 5.83 -18.25
C TYR B 154 -28.27 6.42 -19.12
N GLN B 155 -28.57 7.74 -18.93
CA GLN B 155 -29.49 8.46 -19.81
C GLN B 155 -28.95 9.82 -20.17
N ASN B 156 -28.95 10.11 -21.48
CA ASN B 156 -28.42 11.42 -21.98
C ASN B 156 -29.61 12.09 -22.64
N VAL B 157 -30.40 12.77 -21.82
CA VAL B 157 -31.55 13.55 -22.27
C VAL B 157 -31.11 14.95 -22.78
N SER B 158 -30.19 15.60 -22.08
CA SER B 158 -29.72 16.93 -22.38
C SER B 158 -28.86 16.97 -23.67
N GLY B 159 -28.21 15.87 -23.96
CA GLY B 159 -27.13 15.89 -24.98
C GLY B 159 -25.79 16.20 -24.39
N GLU B 160 -25.73 16.58 -23.09
CA GLU B 160 -24.43 16.86 -22.53
C GLU B 160 -24.18 16.09 -21.20
N ALA B 161 -24.82 14.90 -21.05
CA ALA B 161 -24.64 14.20 -19.80
C ALA B 161 -23.16 13.86 -19.55
N LEU B 162 -22.44 13.36 -20.57
CA LEU B 162 -21.06 13.00 -20.37
C LEU B 162 -20.20 14.18 -20.04
N GLN B 163 -20.46 15.31 -20.68
CA GLN B 163 -19.76 16.53 -20.42
C GLN B 163 -19.99 16.98 -19.00
N LYS B 164 -21.17 16.81 -18.46
CA LYS B 164 -21.44 17.12 -17.09
C LYS B 164 -20.75 16.23 -16.11
N ALA B 165 -20.77 14.92 -16.47
CA ALA B 165 -20.05 13.97 -15.61
C ALA B 165 -18.54 14.26 -15.55
N LEU B 166 -18.00 14.55 -16.74
CA LEU B 166 -16.60 14.96 -16.78
C LEU B 166 -16.31 16.22 -16.02
N ALA B 167 -17.23 17.22 -16.07
CA ALA B 167 -17.11 18.48 -15.34
C ALA B 167 -17.12 18.24 -13.84
N ILE B 168 -18.02 17.36 -13.34
CA ILE B 168 -18.00 17.05 -11.92
C ILE B 168 -16.69 16.39 -11.54
N ALA B 169 -16.28 15.38 -12.34
CA ALA B 169 -15.02 14.73 -12.10
C ALA B 169 -13.86 15.75 -11.98
N LYS B 170 -13.82 16.73 -12.88
CA LYS B 170 -12.81 17.79 -12.80
C LYS B 170 -12.96 18.64 -11.52
N GLY B 171 -14.20 18.94 -11.18
CA GLY B 171 -14.52 19.71 -9.96
C GLY B 171 -14.07 19.06 -8.67
N ILE B 172 -14.10 17.68 -8.67
CA ILE B 172 -13.65 17.00 -7.47
C ILE B 172 -12.21 16.54 -7.52
N GLY B 173 -11.44 17.03 -8.54
CA GLY B 173 -10.06 16.81 -8.65
C GLY B 173 -9.60 15.63 -9.50
N CYS B 174 -10.53 14.79 -9.93
CA CYS B 174 -10.11 13.54 -10.52
C CYS B 174 -9.44 13.70 -11.84
N ALA B 175 -9.68 14.80 -12.55
CA ALA B 175 -9.04 15.04 -13.82
C ALA B 175 -7.59 15.56 -13.62
N ARG B 176 -7.16 15.78 -12.36
CA ARG B 176 -5.73 16.00 -12.09
C ARG B 176 -4.99 14.67 -12.21
N ALA B 177 -5.68 13.56 -12.09
CA ALA B 177 -5.09 12.23 -12.16
C ALA B 177 -5.39 11.59 -13.47
N GLY B 178 -6.67 11.43 -13.77
CA GLY B 178 -7.13 10.87 -15.03
C GLY B 178 -8.50 10.27 -14.92
N VAL B 179 -9.33 10.54 -15.94
CA VAL B 179 -10.71 10.09 -15.90
C VAL B 179 -10.94 9.27 -17.18
N ILE B 180 -11.61 8.12 -17.02
CA ILE B 180 -11.86 7.25 -18.15
C ILE B 180 -13.38 6.99 -18.28
N GLU B 181 -13.88 7.04 -19.52
CA GLU B 181 -15.25 6.71 -19.78
C GLU B 181 -15.49 5.23 -19.67
N SER B 182 -16.57 4.86 -18.98
CA SER B 182 -16.97 3.48 -18.78
C SER B 182 -18.52 3.44 -18.95
N THR B 183 -19.14 2.38 -18.40
CA THR B 183 -20.58 2.17 -18.41
C THR B 183 -21.02 1.87 -17.00
N PHE B 184 -22.31 1.98 -16.75
CA PHE B 184 -22.84 1.57 -15.43
C PHE B 184 -22.60 0.12 -15.14
N LYS B 185 -22.61 -0.73 -16.16
CA LYS B 185 -22.35 -2.13 -15.99
C LYS B 185 -20.91 -2.39 -15.67
N GLU B 186 -20.00 -1.87 -16.48
CA GLU B 186 -18.59 -2.08 -16.22
C GLU B 186 -18.19 -1.56 -14.88
N GLU B 187 -18.51 -0.27 -14.57
CA GLU B 187 -18.12 0.21 -13.27
C GLU B 187 -18.65 -0.63 -12.14
N THR B 188 -19.93 -1.06 -12.19
CA THR B 188 -20.48 -1.74 -11.05
C THR B 188 -19.72 -3.09 -10.84
N GLU B 189 -19.50 -3.79 -11.97
CA GLU B 189 -18.93 -5.11 -11.91
C GLU B 189 -17.46 -5.07 -11.47
N THR B 190 -16.70 -4.16 -12.06
CA THR B 190 -15.26 -4.01 -11.72
C THR B 190 -15.06 -3.46 -10.34
N ASP B 191 -15.91 -2.54 -9.93
CA ASP B 191 -15.78 -1.97 -8.61
C ASP B 191 -16.03 -2.96 -7.47
N LEU B 192 -17.12 -3.72 -7.64
CA LEU B 192 -17.46 -4.75 -6.70
C LEU B 192 -16.34 -5.82 -6.63
N PHE B 193 -15.81 -6.16 -7.85
CA PHE B 193 -14.74 -7.14 -7.90
C PHE B 193 -13.54 -6.76 -7.16
N GLY B 194 -13.09 -5.49 -7.47
CA GLY B 194 -11.84 -5.04 -6.88
C GLY B 194 -11.87 -4.94 -5.37
N GLU B 195 -12.96 -4.33 -4.81
CA GLU B 195 -13.00 -4.19 -3.36
C GLU B 195 -13.18 -5.53 -2.73
N GLN B 196 -13.86 -6.47 -3.35
CA GLN B 196 -14.02 -7.82 -2.79
C GLN B 196 -12.68 -8.62 -2.73
N VAL B 197 -12.00 -8.69 -3.90
CA VAL B 197 -10.91 -9.65 -3.98
C VAL B 197 -9.59 -9.06 -3.59
N ILE B 198 -9.43 -7.72 -3.59
CA ILE B 198 -8.11 -7.14 -3.28
C ILE B 198 -8.17 -5.92 -2.40
N LEU B 199 -8.88 -4.87 -2.78
CA LEU B 199 -8.73 -3.60 -2.04
C LEU B 199 -9.24 -3.66 -0.61
N VAL B 200 -10.33 -4.41 -0.34
CA VAL B 200 -10.77 -4.54 1.03
C VAL B 200 -10.59 -5.98 1.40
N GLY B 201 -11.22 -6.95 0.76
CA GLY B 201 -11.26 -8.32 1.23
C GLY B 201 -9.87 -8.98 1.22
N GLY B 202 -9.25 -9.03 0.04
CA GLY B 202 -8.00 -9.73 -0.10
C GLY B 202 -6.90 -9.19 0.71
N ILE B 203 -6.73 -7.87 0.66
CA ILE B 203 -5.59 -7.33 1.42
C ILE B 203 -5.80 -7.40 2.91
N MET B 204 -7.05 -7.19 3.39
CA MET B 204 -7.21 -7.25 4.82
C MET B 204 -7.04 -8.67 5.33
N GLU B 205 -7.49 -9.69 4.62
CA GLU B 205 -7.31 -11.02 5.05
C GLU B 205 -5.86 -11.57 4.89
N LEU B 206 -5.14 -11.05 3.88
CA LEU B 206 -3.73 -11.37 3.68
C LEU B 206 -2.94 -10.86 4.84
N ILE B 207 -3.20 -9.59 5.18
CA ILE B 207 -2.47 -8.91 6.32
C ILE B 207 -2.79 -9.74 7.60
N LYS B 208 -4.07 -9.92 7.88
CA LYS B 208 -4.41 -10.57 9.16
C LYS B 208 -3.78 -11.97 9.19
N ALA B 209 -3.85 -12.72 8.15
CA ALA B 209 -3.36 -14.10 8.15
C ALA B 209 -1.82 -14.12 8.37
N SER B 210 -1.13 -13.15 7.76
CA SER B 210 0.30 -13.03 7.88
CA SER B 210 0.31 -13.17 7.89
C SER B 210 0.72 -12.73 9.27
N PHE B 211 0.12 -11.62 9.78
CA PHE B 211 0.40 -11.19 11.10
C PHE B 211 0.12 -12.30 12.18
N GLU B 212 -1.04 -12.92 12.05
CA GLU B 212 -1.54 -13.90 12.98
C GLU B 212 -0.63 -15.14 12.96
N THR B 213 -0.13 -15.48 11.79
CA THR B 213 0.74 -16.65 11.70
C THR B 213 2.00 -16.40 12.53
N LEU B 214 2.61 -15.20 12.40
CA LEU B 214 3.77 -14.91 13.17
C LEU B 214 3.51 -14.84 14.67
N VAL B 215 2.37 -14.21 15.06
CA VAL B 215 2.10 -14.13 16.48
C VAL B 215 1.77 -15.51 17.04
N GLU B 216 1.04 -16.33 16.38
CA GLU B 216 0.72 -17.67 16.84
C GLU B 216 1.98 -18.48 17.05
N GLU B 217 2.96 -18.29 16.19
CA GLU B 217 4.15 -19.04 16.21
C GLU B 217 5.17 -18.45 17.20
N GLY B 218 4.83 -17.40 17.96
CA GLY B 218 5.64 -17.02 19.06
C GLY B 218 6.58 -15.80 18.85
N TYR B 219 6.52 -15.19 17.69
CA TYR B 219 7.39 -14.01 17.45
C TYR B 219 6.80 -12.79 18.14
N GLN B 220 7.64 -11.77 18.32
CA GLN B 220 7.18 -10.53 18.92
C GLN B 220 6.10 -9.90 18.07
N PRO B 221 4.94 -9.54 18.71
CA PRO B 221 3.86 -8.99 17.92
C PRO B 221 4.27 -7.66 17.27
N GLU B 222 5.12 -6.89 17.89
CA GLU B 222 5.61 -5.61 17.31
C GLU B 222 6.42 -5.87 16.07
N VAL B 223 7.24 -6.93 16.09
CA VAL B 223 7.96 -7.32 14.86
C VAL B 223 6.98 -7.70 13.75
N ALA B 224 5.99 -8.55 14.12
CA ALA B 224 4.99 -8.91 13.16
C ALA B 224 4.28 -7.76 12.56
N TYR B 225 3.98 -6.72 13.39
CA TYR B 225 3.32 -5.55 12.85
C TYR B 225 4.27 -4.75 11.86
N PHE B 226 5.52 -4.60 12.26
CA PHE B 226 6.42 -3.83 11.39
C PHE B 226 6.56 -4.55 10.04
N GLU B 227 6.56 -5.90 10.05
CA GLU B 227 6.87 -6.76 8.89
C GLU B 227 5.63 -6.88 7.99
N THR B 228 4.47 -7.11 8.58
CA THR B 228 3.32 -7.55 7.81
C THR B 228 2.26 -6.47 7.65
N VAL B 229 2.36 -5.35 8.35
CA VAL B 229 1.41 -4.24 8.24
C VAL B 229 2.13 -2.97 7.76
N ASN B 230 3.06 -2.53 8.57
CA ASN B 230 3.66 -1.17 8.32
C ASN B 230 4.43 -1.19 6.99
N GLU B 231 5.24 -2.25 6.77
CA GLU B 231 6.09 -2.26 5.59
C GLU B 231 5.29 -2.34 4.32
N LEU B 232 4.07 -2.94 4.38
CA LEU B 232 3.27 -3.03 3.18
C LEU B 232 3.07 -1.70 2.53
N LYS B 233 2.87 -0.64 3.29
CA LYS B 233 2.67 0.66 2.74
C LYS B 233 3.93 1.14 1.96
N LEU B 234 5.08 0.84 2.52
CA LEU B 234 6.35 1.22 1.88
C LEU B 234 6.56 0.53 0.55
N ILE B 235 6.21 -0.78 0.53
CA ILE B 235 6.30 -1.55 -0.71
C ILE B 235 5.28 -1.14 -1.74
N VAL B 236 4.03 -0.96 -1.30
CA VAL B 236 3.00 -0.58 -2.21
C VAL B 236 3.28 0.78 -2.81
N ASP B 237 3.88 1.70 -2.11
CA ASP B 237 4.29 2.97 -2.63
C ASP B 237 5.21 2.78 -3.84
N LEU B 238 6.11 1.81 -3.75
CA LEU B 238 6.99 1.53 -4.95
C LEU B 238 6.19 1.06 -6.12
N ILE B 239 5.24 0.11 -5.88
CA ILE B 239 4.41 -0.34 -6.99
C ILE B 239 3.65 0.80 -7.63
N TYR B 240 3.04 1.66 -6.78
CA TYR B 240 2.26 2.76 -7.23
C TYR B 240 3.06 3.70 -8.19
N GLU B 241 4.34 3.86 -7.87
CA GLU B 241 5.25 4.75 -8.60
C GLU B 241 5.89 4.10 -9.79
N LYS B 242 6.23 2.82 -9.69
CA LYS B 242 7.11 2.15 -10.64
C LYS B 242 6.67 0.78 -11.08
N GLY B 243 5.44 0.36 -10.73
CA GLY B 243 4.94 -0.92 -11.09
C GLY B 243 5.62 -2.02 -10.33
N LEU B 244 5.17 -3.23 -10.65
CA LEU B 244 5.67 -4.43 -10.05
C LEU B 244 7.16 -4.62 -10.36
N THR B 245 7.55 -4.19 -11.58
CA THR B 245 8.96 -4.31 -11.95
C THR B 245 9.84 -3.44 -11.08
N GLY B 246 9.42 -2.18 -10.86
CA GLY B 246 10.18 -1.26 -10.01
C GLY B 246 10.31 -1.68 -8.60
N MET B 247 9.20 -2.25 -8.09
CA MET B 247 9.21 -2.82 -6.77
C MET B 247 10.18 -3.98 -6.66
N LEU B 248 10.10 -4.88 -7.63
CA LEU B 248 10.84 -6.10 -7.51
C LEU B 248 12.35 -5.76 -7.67
N ARG B 249 12.74 -4.75 -8.47
CA ARG B 249 14.12 -4.38 -8.57
C ARG B 249 14.71 -3.74 -7.27
N ALA B 250 13.84 -3.18 -6.42
CA ALA B 250 14.25 -2.63 -5.22
C ALA B 250 14.52 -3.54 -4.10
N VAL B 251 13.89 -4.75 -4.11
CA VAL B 251 14.02 -5.65 -2.97
C VAL B 251 15.17 -6.61 -3.22
N SER B 252 15.58 -7.27 -2.17
CA SER B 252 16.79 -8.13 -2.23
C SER B 252 16.57 -9.28 -3.19
N ASP B 253 17.67 -9.79 -3.71
CA ASP B 253 17.55 -11.01 -4.52
C ASP B 253 16.88 -12.17 -3.76
N THR B 254 17.24 -12.26 -2.49
CA THR B 254 16.55 -13.25 -1.63
C THR B 254 15.08 -13.08 -1.62
N ALA B 255 14.66 -11.84 -1.48
CA ALA B 255 13.21 -11.54 -1.51
C ALA B 255 12.58 -11.73 -2.88
N LYS B 256 13.34 -11.50 -3.96
CA LYS B 256 12.80 -11.74 -5.27
C LYS B 256 12.53 -13.27 -5.46
N TYR B 257 13.52 -14.07 -5.06
CA TYR B 257 13.32 -15.52 -5.23
C TYR B 257 12.24 -16.04 -4.32
N GLY B 258 12.23 -15.63 -3.03
CA GLY B 258 11.17 -16.02 -2.10
C GLY B 258 9.82 -15.56 -2.57
N GLY B 259 9.69 -14.31 -2.97
CA GLY B 259 8.42 -13.84 -3.39
C GLY B 259 7.90 -14.51 -4.64
N ILE B 260 8.78 -14.68 -5.63
CA ILE B 260 8.33 -15.23 -6.92
C ILE B 260 7.82 -16.67 -6.67
N THR B 261 8.54 -17.44 -5.89
CA THR B 261 8.14 -18.83 -5.65
C THR B 261 6.95 -18.92 -4.73
N VAL B 262 7.04 -18.32 -3.55
CA VAL B 262 5.95 -18.43 -2.58
C VAL B 262 4.72 -17.70 -2.98
N GLY B 263 4.82 -16.59 -3.68
CA GLY B 263 3.64 -15.91 -4.10
C GLY B 263 2.69 -16.74 -4.93
N LYS B 264 3.28 -17.48 -5.86
CA LYS B 264 2.54 -18.40 -6.70
C LYS B 264 2.05 -19.66 -5.94
N PHE B 265 2.65 -19.96 -4.77
CA PHE B 265 2.15 -21.00 -3.89
C PHE B 265 0.87 -20.50 -3.18
N ILE B 266 0.92 -19.30 -2.65
CA ILE B 266 -0.15 -18.73 -1.81
C ILE B 266 -1.33 -18.40 -2.76
N ILE B 267 -1.03 -17.67 -3.82
CA ILE B 267 -2.02 -17.16 -4.79
C ILE B 267 -1.86 -18.01 -6.03
N ASP B 268 -2.48 -19.20 -5.91
CA ASP B 268 -2.32 -20.28 -6.93
C ASP B 268 -3.52 -20.33 -7.89
N LYS B 269 -3.61 -21.36 -8.70
CA LYS B 269 -4.77 -21.50 -9.59
C LYS B 269 -6.09 -21.57 -8.83
N SER B 270 -6.10 -22.15 -7.64
CA SER B 270 -7.32 -22.30 -6.85
C SER B 270 -7.84 -20.87 -6.50
N VAL B 271 -6.92 -19.99 -6.20
CA VAL B 271 -7.28 -18.60 -5.86
C VAL B 271 -7.76 -17.89 -7.13
N ARG B 272 -7.04 -18.03 -8.28
CA ARG B 272 -7.53 -17.46 -9.53
C ARG B 272 -8.90 -17.93 -9.96
N ASP B 273 -9.14 -19.24 -9.73
CA ASP B 273 -10.46 -19.80 -10.01
C ASP B 273 -11.50 -19.15 -9.10
N LYS B 274 -11.14 -18.99 -7.82
CA LYS B 274 -12.06 -18.28 -6.92
C LYS B 274 -12.35 -16.89 -7.41
N MET B 275 -11.33 -16.19 -7.93
CA MET B 275 -11.63 -14.84 -8.46
C MET B 275 -12.61 -14.81 -9.63
N LYS B 276 -12.52 -15.85 -10.52
CA LYS B 276 -13.53 -15.94 -11.57
C LYS B 276 -14.92 -16.21 -10.96
N ILE B 277 -14.98 -17.03 -9.90
CA ILE B 277 -16.26 -17.32 -9.27
C ILE B 277 -16.80 -16.07 -8.60
N VAL B 278 -15.94 -15.29 -7.91
CA VAL B 278 -16.41 -14.00 -7.33
C VAL B 278 -17.02 -13.09 -8.41
N LEU B 279 -16.31 -12.94 -9.52
CA LEU B 279 -16.78 -12.18 -10.62
C LEU B 279 -18.12 -12.63 -11.16
N GLU B 280 -18.21 -13.97 -11.36
CA GLU B 280 -19.48 -14.58 -11.79
C GLU B 280 -20.67 -14.23 -10.88
N ARG B 281 -20.41 -14.30 -9.58
CA ARG B 281 -21.50 -13.96 -8.65
C ARG B 281 -21.88 -12.50 -8.64
N ILE B 282 -20.95 -11.62 -9.02
CA ILE B 282 -21.24 -10.21 -9.24
C ILE B 282 -22.07 -10.08 -10.52
N ARG B 283 -21.63 -10.73 -11.60
CA ARG B 283 -22.28 -10.56 -12.86
C ARG B 283 -23.69 -11.16 -12.87
N SER B 284 -23.92 -12.24 -12.15
CA SER B 284 -25.22 -12.89 -12.16
C SER B 284 -26.27 -12.27 -11.32
N GLY B 285 -25.94 -11.27 -10.53
CA GLY B 285 -26.85 -10.75 -9.56
C GLY B 285 -26.80 -11.36 -8.20
N GLU B 286 -26.12 -12.47 -8.06
CA GLU B 286 -26.17 -13.19 -6.79
C GLU B 286 -25.58 -12.41 -5.64
N PHE B 287 -24.43 -11.74 -5.90
CA PHE B 287 -23.89 -10.87 -4.84
C PHE B 287 -24.89 -9.76 -4.41
N ALA B 288 -25.49 -9.14 -5.40
CA ALA B 288 -26.40 -8.04 -5.10
C ALA B 288 -27.55 -8.60 -4.23
N ARG B 289 -28.08 -9.74 -4.58
CA ARG B 289 -29.21 -10.31 -3.81
CA ARG B 289 -29.16 -10.44 -3.81
C ARG B 289 -28.78 -10.65 -2.42
N GLU B 290 -27.59 -11.20 -2.20
CA GLU B 290 -27.06 -11.53 -0.89
C GLU B 290 -26.87 -10.31 -0.08
N TRP B 291 -26.29 -9.26 -0.65
CA TRP B 291 -26.11 -8.01 0.04
C TRP B 291 -27.41 -7.42 0.52
N ILE B 292 -28.38 -7.33 -0.39
CA ILE B 292 -29.69 -6.82 0.04
C ILE B 292 -30.20 -7.65 1.24
N LYS B 293 -30.13 -8.97 1.14
CA LYS B 293 -30.65 -9.80 2.27
C LYS B 293 -29.90 -9.58 3.55
N GLU B 294 -28.58 -9.40 3.43
CA GLU B 294 -27.77 -9.15 4.62
C GLU B 294 -28.09 -7.80 5.22
N TYR B 295 -28.25 -6.76 4.39
CA TYR B 295 -28.67 -5.46 4.90
C TYR B 295 -30.04 -5.59 5.67
N GLU B 296 -30.97 -6.32 5.06
CA GLU B 296 -32.28 -6.45 5.67
C GLU B 296 -32.27 -7.25 6.95
N ARG B 297 -31.26 -8.01 7.23
CA ARG B 297 -31.02 -8.63 8.53
C ARG B 297 -30.45 -7.75 9.57
N GLY B 298 -30.05 -6.53 9.23
CA GLY B 298 -29.31 -5.63 10.09
C GLY B 298 -27.80 -5.59 9.92
N MET B 299 -27.31 -6.07 8.78
CA MET B 299 -25.85 -6.12 8.46
C MET B 299 -25.02 -6.71 9.63
N PRO B 300 -25.47 -7.87 10.21
CA PRO B 300 -24.69 -8.40 11.31
C PRO B 300 -23.24 -8.77 10.97
N THR B 301 -23.04 -9.27 9.76
CA THR B 301 -21.70 -9.68 9.30
C THR B 301 -20.74 -8.49 9.43
N VAL B 302 -21.25 -7.32 9.10
CA VAL B 302 -20.44 -6.07 9.08
C VAL B 302 -20.17 -5.63 10.52
N PHE B 303 -21.24 -5.52 11.31
CA PHE B 303 -21.02 -5.02 12.63
C PHE B 303 -20.22 -5.95 13.54
N LYS B 304 -20.47 -7.27 13.41
CA LYS B 304 -19.73 -8.23 14.19
C LYS B 304 -18.24 -8.13 13.80
N GLU B 305 -17.93 -8.05 12.53
CA GLU B 305 -16.52 -7.91 12.17
C GLU B 305 -15.90 -6.68 12.70
N LEU B 306 -16.55 -5.54 12.68
CA LEU B 306 -15.99 -4.32 13.18
C LEU B 306 -15.70 -4.42 14.64
N SER B 307 -16.68 -4.94 15.39
CA SER B 307 -16.45 -5.03 16.83
C SER B 307 -15.28 -5.95 17.19
N GLU B 308 -15.24 -7.12 16.52
CA GLU B 308 -14.15 -8.06 16.78
C GLU B 308 -12.80 -7.44 16.36
N LEU B 309 -12.79 -6.84 15.22
CA LEU B 309 -11.52 -6.30 14.65
C LEU B 309 -10.96 -5.21 15.57
N GLU B 310 -11.79 -4.27 16.02
CA GLU B 310 -11.27 -3.09 16.68
C GLU B 310 -10.57 -3.50 17.98
N GLY B 311 -11.02 -4.60 18.60
CA GLY B 311 -10.43 -5.05 19.81
C GLY B 311 -9.36 -6.14 19.67
N SER B 312 -9.02 -6.48 18.45
CA SER B 312 -8.14 -7.61 18.16
C SER B 312 -6.65 -7.24 18.32
N THR B 313 -5.78 -8.21 18.51
CA THR B 313 -4.37 -7.96 18.73
C THR B 313 -3.74 -7.11 17.65
N ILE B 314 -4.04 -7.38 16.38
CA ILE B 314 -3.41 -6.62 15.30
C ILE B 314 -3.74 -5.14 15.47
N GLU B 315 -5.02 -4.85 15.88
CA GLU B 315 -5.42 -3.46 15.99
C GLU B 315 -4.95 -2.81 17.24
N THR B 316 -4.90 -3.48 18.36
CA THR B 316 -4.41 -2.90 19.62
C THR B 316 -2.89 -2.70 19.60
N VAL B 317 -2.19 -3.70 19.13
CA VAL B 317 -0.74 -3.57 18.92
C VAL B 317 -0.45 -2.48 17.90
N GLY B 318 -1.21 -2.42 16.82
CA GLY B 318 -1.02 -1.42 15.79
C GLY B 318 -1.29 0.00 16.27
N ARG B 319 -2.38 0.20 17.09
CA ARG B 319 -2.63 1.54 17.59
C ARG B 319 -1.47 1.98 18.47
N LYS B 320 -0.96 1.15 19.33
CA LYS B 320 0.12 1.47 20.20
C LYS B 320 1.38 1.89 19.39
N LEU B 321 1.70 1.08 18.38
CA LEU B 321 2.88 1.34 17.60
C LEU B 321 2.76 2.51 16.70
N ARG B 322 1.59 2.72 16.07
CA ARG B 322 1.38 3.90 15.29
C ARG B 322 1.51 5.17 16.07
N GLU B 323 0.98 5.16 17.29
CA GLU B 323 1.10 6.36 18.12
C GLU B 323 2.58 6.63 18.41
N MET B 324 3.40 5.61 18.65
CA MET B 324 4.80 5.79 18.90
CA MET B 324 4.80 5.77 18.89
C MET B 324 5.52 6.24 17.64
N MET B 325 5.24 5.64 16.49
CA MET B 325 5.96 5.95 15.26
C MET B 325 5.68 7.32 14.79
N PHE B 326 4.45 7.81 14.99
CA PHE B 326 3.96 9.04 14.37
C PHE B 326 4.06 10.26 15.26
N ARG B 327 4.72 10.13 16.39
CA ARG B 327 4.87 11.31 17.28
C ARG B 327 5.65 12.47 16.62
N GLY B 328 6.66 12.10 15.82
CA GLY B 328 7.48 13.10 15.05
C GLY B 328 8.60 13.72 15.86
N MET B 329 9.41 14.56 15.22
CA MET B 329 10.64 15.10 15.85
C MET B 329 10.26 16.16 16.96
N LYS B 330 10.98 16.22 18.11
CA LYS B 330 10.78 17.38 19.09
C LYS B 330 11.18 18.74 18.52
PA NDP C . 21.90 -5.34 -3.73
O1A NDP C . 21.27 -4.01 -3.99
O2A NDP C . 21.46 -6.58 -4.46
O5B NDP C . 23.50 -5.23 -3.82
C5B NDP C . 24.08 -4.58 -4.96
C4B NDP C . 25.53 -4.16 -4.53
O4B NDP C . 26.32 -5.33 -4.40
C3B NDP C . 26.18 -3.32 -5.61
O3B NDP C . 27.12 -2.44 -4.97
C2B NDP C . 26.84 -4.39 -6.46
O2B NDP C . 27.98 -3.88 -7.20
C1B NDP C . 27.33 -5.33 -5.41
N9A NDP C . 27.44 -6.71 -5.92
C8A NDP C . 26.45 -7.37 -6.62
N7A NDP C . 26.87 -8.59 -7.02
C5A NDP C . 28.15 -8.63 -6.58
C6A NDP C . 29.20 -9.56 -6.85
N6A NDP C . 28.92 -10.73 -7.46
N1A NDP C . 30.33 -9.40 -6.22
C2A NDP C . 30.63 -8.22 -5.62
N3A NDP C . 29.70 -7.23 -5.37
C4A NDP C . 28.53 -7.40 -5.93
O3 NDP C . 21.83 -5.67 -2.18
PN NDP C . 20.62 -5.36 -1.14
O1N NDP C . 20.72 -3.92 -0.78
O2N NDP C . 19.32 -5.85 -1.77
O5D NDP C . 21.01 -6.24 0.05
C5D NDP C . 21.99 -6.12 1.00
C4D NDP C . 21.68 -6.64 2.32
O4D NDP C . 20.54 -5.87 2.83
C3D NDP C . 21.22 -8.15 2.24
O3D NDP C . 21.72 -8.74 3.41
C2D NDP C . 19.71 -8.00 2.24
O2D NDP C . 19.02 -9.17 2.73
C1D NDP C . 19.52 -6.85 3.17
N1N NDP C . 18.22 -6.17 3.02
C2N NDP C . 17.78 -5.72 1.81
C3N NDP C . 16.62 -5.00 1.66
C7N NDP C . 16.23 -4.37 0.43
O7N NDP C . 15.44 -3.41 0.49
N7N NDP C . 16.90 -4.60 -0.74
C4N NDP C . 15.76 -4.85 2.89
C5N NDP C . 16.44 -5.00 4.13
C6N NDP C . 17.59 -5.70 4.17
P2B NDP C . 27.88 -3.62 -8.80
O1X NDP C . 29.35 -3.72 -9.18
O2X NDP C . 27.33 -2.22 -8.94
O3X NDP C . 27.10 -4.74 -9.35
MG MG D . 14.61 -9.66 3.40
MG MG E . 12.56 -7.18 5.26
C1 40E F . 14.25 -7.75 1.32
O11 40E F . 14.31 -7.09 0.25
O12 40E F . 14.99 -8.77 1.56
C2 40E F . 13.29 -7.44 2.44
O2 40E F . 13.55 -7.80 3.57
N3 40E F . 12.22 -6.75 2.22
C4 40E F . 11.60 -6.27 1.01
C41 40E F . 10.06 -6.48 1.09
C42 40E F . 11.97 -4.78 0.88
N1 EPE G . 43.58 -3.58 -4.80
C2 EPE G . 44.17 -3.91 -3.53
C3 EPE G . 45.32 -3.04 -3.04
N4 EPE G . 45.17 -1.67 -3.43
C5 EPE G . 44.47 -1.36 -4.69
C6 EPE G . 43.33 -2.24 -5.01
C7 EPE G . 46.15 -0.81 -2.81
C8 EPE G . 46.14 0.65 -3.23
O8 EPE G . 45.47 1.40 -2.17
C9 EPE G . 42.51 -4.47 -5.22
C10 EPE G . 42.89 -5.92 -5.59
S EPE G . 41.56 -6.91 -5.95
O1S EPE G . 40.67 -6.95 -4.80
O2S EPE G . 42.37 -8.25 -6.24
O3S EPE G . 40.92 -6.27 -7.17
C1 GOL H . 18.40 11.21 13.83
O1 GOL H . 17.08 11.71 13.62
C2 GOL H . 19.37 11.48 12.70
O2 GOL H . 19.19 12.81 12.15
C3 GOL H . 20.82 11.20 13.11
O3 GOL H . 21.33 12.03 14.15
C1 GOL I . 26.04 -18.49 -0.93
O1 GOL I . 26.28 -18.69 0.46
C2 GOL I . 26.97 -19.31 -1.78
O2 GOL I . 28.39 -18.91 -1.63
C3 GOL I . 26.45 -19.06 -3.16
O3 GOL I . 27.21 -19.96 -4.00
C1 GOL J . 20.29 -24.16 6.37
O1 GOL J . 20.31 -24.65 7.82
C2 GOL J . 21.50 -24.74 5.69
O2 GOL J . 21.25 -26.19 5.54
C3 GOL J . 21.68 -23.98 4.40
O3 GOL J . 22.83 -24.53 3.80
PA NDP K . -21.51 6.65 3.77
O1A NDP K . -20.32 7.40 4.18
O2A NDP K . -21.84 5.31 4.26
O5B NDP K . -22.82 7.57 3.93
C5B NDP K . -23.01 8.26 5.18
C4B NDP K . -23.98 9.43 4.89
O4B NDP K . -25.28 8.91 4.60
C3B NDP K . -24.14 10.35 6.09
O3B NDP K . -24.42 11.68 5.65
C2B NDP K . -25.29 9.69 6.82
O2B NDP K . -26.02 10.59 7.67
C1B NDP K . -26.18 9.34 5.62
N9A NDP K . -27.03 8.16 5.94
C8A NDP K . -26.62 6.96 6.52
N7A NDP K . -27.66 6.17 6.73
C5A NDP K . -28.71 6.82 6.33
C6A NDP K . -30.17 6.59 6.44
N6A NDP K . -30.64 5.38 6.85
N1A NDP K . -30.96 7.52 5.87
C2A NDP K . -30.52 8.70 5.42
N3A NDP K . -29.17 9.03 5.32
C4A NDP K . -28.33 8.15 5.84
O3 NDP K . -21.61 6.58 2.22
PN NDP K . -20.36 6.34 1.15
O1N NDP K . -19.68 7.62 1.00
O2N NDP K . -19.58 5.16 1.58
O5D NDP K . -21.09 5.98 -0.16
C5D NDP K . -21.83 6.81 -1.03
C4D NDP K . -21.83 6.31 -2.42
O4D NDP K . -20.42 6.41 -2.85
C3D NDP K . -22.22 4.82 -2.59
O3D NDP K . -22.92 4.75 -3.79
C2D NDP K . -20.86 4.14 -2.62
O2D NDP K . -20.86 2.87 -3.30
C1D NDP K . -20.02 5.13 -3.39
N1N NDP K . -18.58 5.02 -3.18
C2N NDP K . -18.04 4.97 -1.96
C3N NDP K . -16.69 4.92 -1.78
C7N NDP K . -16.07 5.08 -0.48
O7N NDP K . -14.87 5.46 -0.43
N7N NDP K . -16.77 5.02 0.69
C4N NDP K . -15.77 4.77 -2.98
C5N NDP K . -16.43 5.13 -4.16
C6N NDP K . -17.78 5.21 -4.32
P2B NDP K . -25.85 10.54 9.29
O1X NDP K . -25.80 9.08 9.62
O2X NDP K . -27.15 11.15 9.71
O3X NDP K . -24.66 11.37 9.60
MG MG L . -14.26 1.48 -5.80
MG MG M . -17.40 0.22 -4.26
C1 40E N . -16.18 1.31 -1.92
O11 40E N . -17.30 0.89 -2.29
O12 40E N . -15.88 1.75 -0.75
C2 40E N . -15.16 1.21 -3.03
O2 40E N . -15.51 1.28 -4.19
N3 40E N . -13.90 1.22 -2.77
C4 40E N . -13.16 1.13 -1.53
C41 40E N . -12.01 0.13 -1.69
C42 40E N . -12.74 2.57 -1.15
N1 EPE O . -38.81 19.56 5.94
C2 EPE O . -39.61 19.77 4.70
C3 EPE O . -40.02 21.22 4.46
N4 EPE O . -39.23 22.27 5.05
C5 EPE O . -38.44 22.02 6.23
C6 EPE O . -38.03 20.61 6.52
C7 EPE O . -39.42 23.80 4.71
C8 EPE O . -38.20 24.68 4.42
O8 EPE O . -37.41 24.85 5.63
C9 EPE O . -38.58 18.24 6.56
C10 EPE O . -39.69 17.20 6.47
S EPE O . -39.09 15.62 6.60
O1S EPE O . -40.45 14.82 6.65
O2S EPE O . -38.25 15.54 7.82
O3S EPE O . -38.24 15.34 5.39
C1 GOL P . -9.11 21.28 -11.39
O1 GOL P . -7.81 20.91 -11.10
C2 GOL P . -9.82 21.83 -10.21
O2 GOL P . -9.05 22.67 -9.38
C3 GOL P . -11.19 22.40 -10.48
O3 GOL P . -11.30 23.12 -11.71
C1 GOL Q . -32.00 -1.74 -0.86
O1 GOL Q . -32.34 -1.54 -2.19
C2 GOL Q . -33.23 -2.05 -0.04
O2 GOL Q . -34.17 -0.94 0.04
C3 GOL Q . -32.68 -2.40 1.31
O3 GOL Q . -33.83 -2.84 2.08
#